data_1LGA
#
_entry.id   1LGA
#
_cell.length_a   44.700
_cell.length_b   77.500
_cell.length_c   100.000
_cell.angle_alpha   90.00
_cell.angle_beta   101.00
_cell.angle_gamma   90.00
#
_symmetry.space_group_name_H-M   'P 1 21 1'
#
loop_
_entity.id
_entity.type
_entity.pdbx_description
1 polymer 'LIGNIN PEROXIDASE'
2 non-polymer 2-acetamido-2-deoxy-beta-D-glucopyranose
3 non-polymer 'CALCIUM ION'
4 non-polymer 'PROTOPORPHYRIN IX CONTAINING FE'
5 water water
#
_entity_poly.entity_id   1
_entity_poly.type   'polypeptide(L)'
_entity_poly.pdbx_seq_one_letter_code
;ATCANGKTVGDASCCAWFDVLDDIQANMFHGGQCGAEAHESIRLVFHDSIAISPAMEAKGKFGGGGADGSIMIFDTIETA
FHPNIGLDEVVAMQKPFVQKHGVTPGDFIAFAGAVALSNCPGAPQMNFFTGRKPATQPAPDGLVPEPFHTVDQIIARVND
AGEFDELELVWMLSAHSVAAVNDVDPTVQGLPFDSTPGIFDSQFFVETQFRGTLFPGSGGNQGEVESGMAGEIRIQTDHT
LARDSRTACEWQSFVGNQSKLVDDFQFIFLALTQLGQDPNAMTDCSDVIPLSKPIPGNGPFSFFPPGKSHSDIEQACAET
PFPSLVTLPGPATSVARIPPHKA
;
_entity_poly.pdbx_strand_id   A,B
#
loop_
_chem_comp.id
_chem_comp.type
_chem_comp.name
_chem_comp.formula
CA non-polymer 'CALCIUM ION' 'Ca 2'
HEM non-polymer 'PROTOPORPHYRIN IX CONTAINING FE' 'C34 H32 Fe N4 O4'
NAG D-saccharide, beta linking 2-acetamido-2-deoxy-beta-D-glucopyranose 'C8 H15 N O6'
#
# COMPACT_ATOMS: atom_id res chain seq x y z
N ALA A 1 31.66 21.05 2.76
CA ALA A 1 30.84 21.47 1.66
C ALA A 1 30.21 22.77 2.13
N THR A 2 30.29 23.87 1.39
CA THR A 2 29.63 25.12 1.72
C THR A 2 28.34 25.08 0.96
N CYS A 3 27.22 25.19 1.64
CA CYS A 3 25.96 25.22 0.92
C CYS A 3 25.75 26.60 0.29
N ALA A 4 24.69 26.72 -0.54
CA ALA A 4 24.34 27.94 -1.26
C ALA A 4 24.10 29.08 -0.27
N ASN A 5 23.62 28.78 0.94
CA ASN A 5 23.46 29.78 1.97
C ASN A 5 24.73 30.10 2.76
N GLY A 6 25.91 29.58 2.46
CA GLY A 6 27.12 29.90 3.19
C GLY A 6 27.40 29.03 4.41
N LYS A 7 26.51 28.15 4.88
CA LYS A 7 26.70 27.31 6.05
C LYS A 7 27.41 26.07 5.57
N THR A 8 28.32 25.56 6.39
CA THR A 8 29.11 24.40 6.03
C THR A 8 28.59 23.11 6.58
N VAL A 9 28.73 22.10 5.76
CA VAL A 9 28.29 20.77 6.16
C VAL A 9 29.39 19.86 5.69
N GLY A 10 29.25 18.66 6.24
CA GLY A 10 30.12 17.55 5.88
C GLY A 10 29.76 17.07 4.49
N ASP A 11 28.54 16.60 4.26
CA ASP A 11 28.18 16.13 2.94
C ASP A 11 27.25 17.17 2.30
N ALA A 12 27.52 17.52 1.06
CA ALA A 12 26.75 18.47 0.27
C ALA A 12 25.30 18.05 0.05
N SER A 13 24.97 16.75 0.14
CA SER A 13 23.58 16.28 0.03
C SER A 13 22.75 16.80 1.20
N CYS A 14 23.43 17.15 2.28
CA CYS A 14 22.75 17.71 3.44
C CYS A 14 22.24 19.10 3.18
N CYS A 15 22.74 19.78 2.14
CA CYS A 15 22.41 21.19 1.94
C CYS A 15 20.93 21.42 1.66
N ALA A 16 20.33 20.47 0.94
CA ALA A 16 18.88 20.46 0.69
C ALA A 16 18.02 20.50 1.96
N TRP A 17 18.52 19.96 3.08
CA TRP A 17 17.70 19.94 4.25
C TRP A 17 17.56 21.31 4.88
N PHE A 18 18.39 22.29 4.54
CA PHE A 18 18.24 23.66 4.98
C PHE A 18 16.95 24.25 4.45
N ASP A 19 16.61 23.94 3.18
CA ASP A 19 15.38 24.39 2.59
C ASP A 19 14.22 23.69 3.27
N VAL A 20 14.34 22.39 3.55
CA VAL A 20 13.30 21.71 4.27
C VAL A 20 13.10 22.36 5.63
N LEU A 21 14.22 22.68 6.29
CA LEU A 21 14.25 23.26 7.62
C LEU A 21 13.46 24.56 7.64
N ASP A 22 13.78 25.43 6.67
CA ASP A 22 13.12 26.72 6.59
C ASP A 22 11.66 26.55 6.27
N ASP A 23 11.36 25.61 5.39
CA ASP A 23 9.98 25.40 5.08
C ASP A 23 9.22 24.88 6.30
N ILE A 24 9.67 23.90 7.08
CA ILE A 24 8.84 23.43 8.18
C ILE A 24 8.90 24.35 9.37
N GLN A 25 9.98 25.08 9.63
CA GLN A 25 10.02 25.95 10.79
C GLN A 25 8.93 27.01 10.71
N ALA A 26 8.73 27.49 9.48
CA ALA A 26 7.74 28.51 9.17
C ALA A 26 6.37 27.91 8.98
N ASN A 27 6.21 26.86 8.17
CA ASN A 27 4.89 26.41 7.77
C ASN A 27 4.32 25.23 8.52
N MET A 28 5.09 24.61 9.42
CA MET A 28 4.57 23.57 10.25
C MET A 28 4.82 23.92 11.71
N PHE A 29 5.93 24.48 12.14
CA PHE A 29 6.13 24.78 13.56
C PHE A 29 5.85 26.22 14.02
N HIS A 30 5.20 26.99 13.15
CA HIS A 30 4.82 28.38 13.44
C HIS A 30 5.97 29.23 13.93
N GLY A 31 7.09 29.22 13.24
CA GLY A 31 8.21 30.01 13.65
C GLY A 31 9.04 29.33 14.72
N GLY A 32 9.18 28.03 14.58
CA GLY A 32 10.01 27.26 15.48
C GLY A 32 9.51 27.17 16.90
N GLN A 33 8.22 26.94 17.15
CA GLN A 33 7.73 26.82 18.50
C GLN A 33 7.72 25.36 18.95
N CYS A 34 7.75 25.13 20.27
CA CYS A 34 7.68 23.82 20.90
C CYS A 34 6.24 23.70 21.38
N GLY A 35 5.33 23.58 20.42
CA GLY A 35 3.92 23.50 20.73
C GLY A 35 3.33 22.27 20.10
N ALA A 36 2.04 22.30 19.76
CA ALA A 36 1.34 21.11 19.33
C ALA A 36 1.96 20.36 18.18
N GLU A 37 2.44 21.01 17.11
CA GLU A 37 2.93 20.33 15.95
C GLU A 37 4.30 19.76 16.25
N ALA A 38 5.11 20.48 17.04
CA ALA A 38 6.40 19.96 17.50
C ALA A 38 6.16 18.70 18.32
N HIS A 39 5.15 18.70 19.19
CA HIS A 39 4.86 17.54 20.03
C HIS A 39 4.41 16.35 19.23
N GLU A 40 3.54 16.61 18.25
CA GLU A 40 3.04 15.61 17.32
C GLU A 40 4.16 15.01 16.49
N SER A 41 5.13 15.80 16.05
CA SER A 41 6.25 15.28 15.27
C SER A 41 7.24 14.44 16.07
N ILE A 42 7.39 14.73 17.37
CA ILE A 42 8.22 13.93 18.25
C ILE A 42 7.49 12.61 18.40
N ARG A 43 6.18 12.60 18.73
CA ARG A 43 5.43 11.37 18.82
C ARG A 43 5.52 10.51 17.57
N LEU A 44 5.46 11.12 16.37
CA LEU A 44 5.47 10.32 15.17
C LEU A 44 6.69 9.45 15.01
N VAL A 45 7.87 9.91 15.44
CA VAL A 45 9.11 9.18 15.31
C VAL A 45 8.92 7.83 15.96
N PHE A 46 8.40 7.84 17.19
CA PHE A 46 8.17 6.62 17.96
C PHE A 46 7.23 5.65 17.25
N HIS A 47 6.11 6.14 16.76
CA HIS A 47 5.15 5.25 16.16
C HIS A 47 5.62 4.77 14.82
N ASP A 48 6.51 5.48 14.14
CA ASP A 48 7.05 4.95 12.92
C ASP A 48 8.05 3.85 13.25
N SER A 49 9.05 4.22 14.02
CA SER A 49 10.20 3.45 14.43
C SER A 49 9.99 2.16 15.18
N ILE A 50 9.16 2.19 16.21
CA ILE A 50 9.06 1.00 17.05
C ILE A 50 8.38 -0.21 16.41
N ALA A 51 7.77 0.01 15.24
CA ALA A 51 7.06 -1.04 14.56
C ALA A 51 8.02 -1.88 13.72
N ILE A 52 8.76 -2.68 14.48
CA ILE A 52 9.76 -3.57 13.97
C ILE A 52 9.78 -4.74 14.94
N SER A 53 9.96 -5.98 14.48
CA SER A 53 9.92 -7.10 15.39
C SER A 53 10.75 -8.28 14.91
N PRO A 54 12.04 -8.42 15.24
CA PRO A 54 12.86 -9.60 14.95
C PRO A 54 12.11 -10.84 15.42
N ALA A 55 11.50 -10.81 16.62
CA ALA A 55 10.75 -11.94 17.13
C ALA A 55 9.74 -12.43 16.11
N MET A 56 8.98 -11.47 15.57
CA MET A 56 7.94 -11.75 14.60
C MET A 56 8.55 -12.24 13.31
N GLU A 57 9.69 -11.68 12.91
CA GLU A 57 10.37 -12.11 11.71
C GLU A 57 10.68 -13.60 11.74
N ALA A 58 11.07 -14.02 12.94
CA ALA A 58 11.37 -15.42 13.20
C ALA A 58 10.16 -16.36 13.20
N LYS A 59 8.92 -15.87 13.25
CA LYS A 59 7.76 -16.72 13.39
C LYS A 59 6.78 -16.43 12.24
N GLY A 60 5.96 -15.37 12.40
CA GLY A 60 4.95 -14.92 11.43
C GLY A 60 5.45 -13.74 10.60
N LYS A 61 6.68 -13.98 10.23
CA LYS A 61 7.51 -13.14 9.44
C LYS A 61 7.34 -11.62 9.59
N PHE A 62 6.91 -10.82 8.60
CA PHE A 62 7.10 -9.36 8.62
C PHE A 62 6.63 -8.64 9.86
N GLY A 63 7.68 -8.35 10.62
CA GLY A 63 7.48 -7.61 11.83
C GLY A 63 7.49 -6.13 11.54
N GLY A 64 7.50 -5.60 10.32
CA GLY A 64 7.60 -4.15 10.12
C GLY A 64 9.06 -3.78 9.86
N GLY A 65 9.40 -2.57 9.43
CA GLY A 65 10.77 -2.29 9.09
C GLY A 65 11.34 -1.15 9.90
N GLY A 66 10.73 -0.83 11.05
CA GLY A 66 11.21 0.30 11.81
C GLY A 66 11.01 1.69 11.20
N ALA A 67 12.08 2.47 11.25
CA ALA A 67 12.19 3.87 10.84
C ALA A 67 12.29 3.89 9.32
N ASP A 68 11.17 3.57 8.66
CA ASP A 68 11.10 3.49 7.19
C ASP A 68 10.05 4.37 6.52
N GLY A 69 9.38 5.21 7.32
CA GLY A 69 8.31 6.09 6.83
C GLY A 69 6.99 5.41 6.48
N SER A 70 6.82 4.16 6.93
CA SER A 70 5.68 3.35 6.57
C SER A 70 4.38 3.90 7.10
N ILE A 71 4.49 4.56 8.23
CA ILE A 71 3.26 5.07 8.83
C ILE A 71 2.74 6.24 7.99
N MET A 72 3.60 6.89 7.20
CA MET A 72 3.16 7.92 6.29
C MET A 72 2.83 7.28 4.95
N ILE A 73 3.69 6.48 4.34
CA ILE A 73 3.38 5.79 3.10
C ILE A 73 2.09 4.99 3.13
N PHE A 74 1.81 4.28 4.22
CA PHE A 74 0.64 3.45 4.31
C PHE A 74 -0.13 3.92 5.50
N ASP A 75 -0.37 5.21 5.41
CA ASP A 75 -1.08 5.84 6.47
C ASP A 75 -2.51 5.43 6.64
N THR A 76 -3.26 5.10 5.59
CA THR A 76 -4.67 4.71 5.72
C THR A 76 -4.63 3.41 6.52
N ILE A 77 -3.68 2.51 6.24
CA ILE A 77 -3.57 1.28 7.00
C ILE A 77 -3.05 1.48 8.43
N GLU A 78 -1.85 2.01 8.65
CA GLU A 78 -1.27 2.15 9.98
C GLU A 78 -1.90 3.10 10.96
N THR A 79 -2.38 4.29 10.61
CA THR A 79 -2.94 5.20 11.60
C THR A 79 -4.34 4.76 12.00
N ALA A 80 -4.85 3.67 11.41
CA ALA A 80 -6.14 3.16 11.88
C ALA A 80 -5.90 2.18 13.02
N PHE A 81 -4.65 1.84 13.31
CA PHE A 81 -4.34 0.92 14.40
C PHE A 81 -4.62 1.77 15.64
N HIS A 82 -5.32 1.21 16.62
CA HIS A 82 -5.70 1.93 17.82
C HIS A 82 -4.53 2.53 18.57
N PRO A 83 -3.35 1.96 18.81
CA PRO A 83 -2.25 2.68 19.45
C PRO A 83 -1.78 3.89 18.66
N ASN A 84 -2.18 4.03 17.39
CA ASN A 84 -1.73 5.13 16.53
C ASN A 84 -2.83 6.18 16.41
N ILE A 85 -3.82 6.15 17.30
CA ILE A 85 -4.93 7.08 17.31
C ILE A 85 -4.45 8.53 17.24
N GLY A 86 -5.07 9.30 16.36
CA GLY A 86 -4.70 10.70 16.20
C GLY A 86 -3.56 10.96 15.24
N LEU A 87 -2.82 9.94 14.82
CA LEU A 87 -1.76 10.25 13.91
C LEU A 87 -2.18 10.42 12.46
N ASP A 88 -3.39 10.08 12.01
CA ASP A 88 -3.81 10.42 10.65
C ASP A 88 -3.69 11.92 10.38
N GLU A 89 -3.93 12.78 11.38
CA GLU A 89 -3.86 14.23 11.19
C GLU A 89 -2.44 14.70 11.09
N VAL A 90 -1.55 14.06 11.89
CA VAL A 90 -0.15 14.43 11.94
C VAL A 90 0.46 14.04 10.63
N VAL A 91 0.17 12.84 10.11
CA VAL A 91 0.73 12.42 8.83
C VAL A 91 0.15 13.34 7.76
N ALA A 92 -1.16 13.64 7.74
CA ALA A 92 -1.80 14.53 6.78
C ALA A 92 -1.06 15.88 6.69
N MET A 93 -0.72 16.48 7.81
CA MET A 93 0.10 17.69 7.86
C MET A 93 1.49 17.55 7.28
N GLN A 94 2.22 16.47 7.60
CA GLN A 94 3.62 16.34 7.15
C GLN A 94 3.74 15.96 5.69
N LYS A 95 2.79 15.16 5.18
CA LYS A 95 2.84 14.63 3.84
C LYS A 95 3.06 15.62 2.72
N PRO A 96 2.49 16.84 2.67
CA PRO A 96 2.77 17.80 1.61
C PRO A 96 4.25 18.14 1.52
N PHE A 97 4.96 18.25 2.64
CA PHE A 97 6.37 18.65 2.66
C PHE A 97 7.28 17.58 2.08
N VAL A 98 6.92 16.33 2.31
CA VAL A 98 7.63 15.19 1.78
C VAL A 98 7.38 15.20 0.28
N GLN A 99 6.15 15.47 -0.14
CA GLN A 99 5.81 15.36 -1.53
C GLN A 99 6.45 16.44 -2.31
N LYS A 100 6.55 17.68 -1.86
CA LYS A 100 7.14 18.73 -2.66
C LYS A 100 8.66 18.72 -2.62
N HIS A 101 9.28 18.34 -1.49
CA HIS A 101 10.73 18.39 -1.45
C HIS A 101 11.38 17.13 -1.99
N GLY A 102 10.60 16.08 -2.23
CA GLY A 102 11.10 14.81 -2.75
C GLY A 102 12.12 14.16 -1.83
N VAL A 103 11.92 14.18 -0.51
CA VAL A 103 12.82 13.51 0.41
C VAL A 103 12.11 12.21 0.84
N THR A 104 12.72 11.18 1.45
CA THR A 104 11.94 9.95 1.69
C THR A 104 11.11 10.24 2.95
N PRO A 105 9.91 9.63 3.12
CA PRO A 105 9.06 9.77 4.29
C PRO A 105 9.74 9.50 5.64
N GLY A 106 10.61 8.47 5.66
CA GLY A 106 11.39 8.09 6.81
C GLY A 106 12.31 9.20 7.23
N ASP A 107 13.04 9.78 6.26
CA ASP A 107 13.98 10.81 6.64
C ASP A 107 13.28 12.06 7.07
N PHE A 108 12.17 12.42 6.42
CA PHE A 108 11.43 13.56 6.87
C PHE A 108 10.91 13.34 8.28
N ILE A 109 10.28 12.22 8.64
CA ILE A 109 9.80 11.99 10.00
C ILE A 109 10.92 12.16 11.02
N ALA A 110 12.09 11.55 10.75
CA ALA A 110 13.27 11.72 11.56
C ALA A 110 13.71 13.18 11.65
N PHE A 111 13.71 13.90 10.54
CA PHE A 111 14.11 15.29 10.50
C PHE A 111 13.17 16.13 11.32
N ALA A 112 11.85 15.98 11.11
CA ALA A 112 10.90 16.81 11.80
C ALA A 112 10.87 16.55 13.32
N GLY A 113 11.03 15.31 13.82
CA GLY A 113 11.16 15.05 15.25
C GLY A 113 12.44 15.66 15.80
N ALA A 114 13.60 15.64 15.15
CA ALA A 114 14.81 16.32 15.63
C ALA A 114 14.60 17.84 15.67
N VAL A 115 14.00 18.45 14.64
CA VAL A 115 13.80 19.90 14.60
C VAL A 115 12.81 20.33 15.67
N ALA A 116 11.76 19.55 15.86
CA ALA A 116 10.72 19.84 16.83
C ALA A 116 11.39 19.88 18.19
N LEU A 117 12.22 18.91 18.50
CA LEU A 117 12.92 18.95 19.74
C LEU A 117 13.87 20.11 19.74
N SER A 118 14.65 20.50 18.71
CA SER A 118 15.51 21.66 18.89
C SER A 118 14.72 22.93 19.26
N ASN A 119 13.37 22.92 19.11
CA ASN A 119 12.56 24.10 19.41
C ASN A 119 12.21 24.13 20.87
N CYS A 120 12.36 23.03 21.64
CA CYS A 120 12.00 23.02 23.06
C CYS A 120 13.19 23.35 23.95
N PRO A 121 13.21 24.40 24.78
CA PRO A 121 14.31 24.72 25.69
C PRO A 121 14.63 23.52 26.57
N GLY A 122 15.93 23.28 26.72
CA GLY A 122 16.44 22.17 27.48
C GLY A 122 16.68 20.98 26.60
N ALA A 123 16.32 20.95 25.30
CA ALA A 123 16.46 19.78 24.46
C ALA A 123 17.91 19.44 24.28
N PRO A 124 18.30 18.15 24.16
CA PRO A 124 19.67 17.85 23.80
C PRO A 124 20.03 18.38 22.40
N GLN A 125 21.29 18.40 21.98
CA GLN A 125 21.63 18.82 20.65
C GLN A 125 21.30 17.61 19.82
N MET A 126 20.31 17.68 18.95
CA MET A 126 19.79 16.50 18.28
C MET A 126 20.54 16.12 17.03
N ASN A 127 20.54 14.84 16.72
CA ASN A 127 21.25 14.36 15.56
C ASN A 127 20.27 14.12 14.44
N PHE A 128 20.78 14.01 13.22
CA PHE A 128 19.94 13.69 12.10
C PHE A 128 20.85 13.01 11.08
N PHE A 129 20.45 11.81 10.71
CA PHE A 129 21.12 11.02 9.72
C PHE A 129 20.10 10.81 8.61
N THR A 130 20.45 10.83 7.34
CA THR A 130 19.49 10.54 6.28
C THR A 130 19.77 9.14 5.73
N GLY A 131 18.93 8.53 4.90
CA GLY A 131 19.27 7.28 4.27
C GLY A 131 18.20 6.23 4.42
N ARG A 132 16.98 6.56 4.85
CA ARG A 132 15.93 5.58 5.03
C ARG A 132 15.16 5.43 3.72
N LYS A 133 15.24 4.27 3.05
CA LYS A 133 14.47 4.01 1.83
C LYS A 133 12.99 3.88 2.19
N PRO A 134 12.05 4.21 1.33
CA PRO A 134 10.62 4.05 1.60
C PRO A 134 10.22 2.62 1.93
N ALA A 135 9.34 2.43 2.92
CA ALA A 135 8.81 1.12 3.21
C ALA A 135 8.07 0.58 1.99
N THR A 136 8.13 -0.72 1.74
CA THR A 136 7.28 -1.26 0.69
C THR A 136 6.08 -1.99 1.26
N GLN A 137 6.04 -2.11 2.59
CA GLN A 137 4.92 -2.77 3.25
C GLN A 137 4.57 -2.14 4.57
N PRO A 138 3.29 -2.00 4.92
CA PRO A 138 2.87 -1.43 6.19
C PRO A 138 3.31 -2.31 7.36
N ALA A 139 3.51 -1.72 8.53
CA ALA A 139 3.79 -2.47 9.75
C ALA A 139 2.49 -3.19 10.14
N PRO A 140 2.56 -4.41 10.70
CA PRO A 140 1.43 -5.06 11.34
C PRO A 140 1.02 -4.28 12.55
N ASP A 141 -0.21 -4.48 12.99
CA ASP A 141 -0.63 -3.88 14.22
C ASP A 141 -0.10 -4.75 15.35
N GLY A 142 -0.16 -4.24 16.60
CA GLY A 142 0.24 -4.94 17.78
C GLY A 142 1.65 -4.57 18.19
N LEU A 143 2.32 -3.66 17.49
CA LEU A 143 3.70 -3.34 17.75
C LEU A 143 3.87 -2.03 18.53
N VAL A 144 2.85 -1.17 18.62
CA VAL A 144 2.99 0.09 19.33
C VAL A 144 2.30 -0.06 20.69
N PRO A 145 2.91 0.19 21.85
CA PRO A 145 2.29 0.06 23.14
C PRO A 145 1.02 0.85 23.37
N GLU A 146 0.17 0.31 24.20
CA GLU A 146 -1.04 0.99 24.59
C GLU A 146 -0.86 1.58 25.98
N PRO A 147 -1.49 2.70 26.39
CA PRO A 147 -1.39 3.21 27.75
C PRO A 147 -1.96 2.25 28.79
N PHE A 148 -2.64 1.17 28.37
CA PHE A 148 -3.19 0.21 29.31
C PHE A 148 -2.42 -1.12 29.24
N HIS A 149 -1.22 -1.15 28.67
CA HIS A 149 -0.43 -2.35 28.72
C HIS A 149 0.26 -2.45 30.09
N THR A 150 0.68 -3.66 30.42
CA THR A 150 1.34 -3.94 31.69
C THR A 150 2.79 -3.58 31.51
N VAL A 151 3.46 -3.30 32.61
CA VAL A 151 4.88 -3.04 32.63
C VAL A 151 5.64 -4.18 31.96
N ASP A 152 5.28 -5.46 32.21
CA ASP A 152 5.96 -6.60 31.62
C ASP A 152 5.80 -6.58 30.10
N GLN A 153 4.62 -6.20 29.62
CA GLN A 153 4.35 -6.10 28.17
C GLN A 153 5.16 -5.05 27.43
N ILE A 154 5.29 -3.88 28.05
CA ILE A 154 6.05 -2.82 27.43
C ILE A 154 7.53 -3.19 27.40
N ILE A 155 8.08 -3.68 28.53
CA ILE A 155 9.50 -4.05 28.62
C ILE A 155 9.79 -5.07 27.52
N ALA A 156 8.89 -6.06 27.33
CA ALA A 156 9.06 -7.10 26.32
C ALA A 156 9.01 -6.49 24.92
N ARG A 157 8.05 -5.58 24.67
CA ARG A 157 7.89 -4.97 23.35
C ARG A 157 9.12 -4.20 22.90
N VAL A 158 9.61 -3.34 23.78
CA VAL A 158 10.75 -2.48 23.52
C VAL A 158 12.04 -3.32 23.32
N ASN A 159 12.10 -4.41 24.09
CA ASN A 159 13.22 -5.32 24.07
C ASN A 159 13.29 -6.06 22.76
N ASP A 160 12.13 -6.40 22.27
CA ASP A 160 12.02 -7.07 20.99
C ASP A 160 12.39 -6.11 19.88
N ALA A 161 11.76 -4.93 19.91
CA ALA A 161 11.96 -3.94 18.87
C ALA A 161 13.40 -3.60 18.62
N GLY A 162 14.15 -3.18 19.63
CA GLY A 162 15.51 -2.81 19.37
C GLY A 162 16.46 -3.24 20.47
N GLU A 163 16.18 -4.28 21.27
CA GLU A 163 17.05 -4.67 22.38
C GLU A 163 17.22 -3.58 23.41
N PHE A 164 16.17 -2.75 23.59
CA PHE A 164 16.27 -1.72 24.60
C PHE A 164 15.95 -2.38 25.94
N ASP A 165 16.67 -2.01 27.01
CA ASP A 165 16.37 -2.56 28.30
C ASP A 165 15.35 -1.66 29.02
N GLU A 166 14.88 -2.03 30.20
CA GLU A 166 13.90 -1.22 30.89
C GLU A 166 14.45 0.08 31.43
N LEU A 167 15.75 0.32 31.45
CA LEU A 167 16.24 1.61 31.86
C LEU A 167 16.06 2.53 30.66
N GLU A 168 16.34 2.00 29.47
CA GLU A 168 16.20 2.76 28.25
C GLU A 168 14.74 3.04 27.98
N LEU A 169 13.81 2.15 28.32
CA LEU A 169 12.38 2.45 28.25
C LEU A 169 12.10 3.74 28.99
N VAL A 170 12.58 3.90 30.23
CA VAL A 170 12.39 5.12 30.99
C VAL A 170 13.01 6.32 30.26
N TRP A 171 14.18 6.18 29.63
CA TRP A 171 14.82 7.29 28.94
C TRP A 171 13.98 7.79 27.78
N MET A 172 13.49 6.92 26.92
CA MET A 172 12.73 7.40 25.76
C MET A 172 11.41 8.03 26.19
N LEU A 173 10.86 7.63 27.38
CA LEU A 173 9.64 8.23 27.91
C LEU A 173 9.83 9.65 28.41
N SER A 174 11.10 10.10 28.40
CA SER A 174 11.47 11.47 28.64
C SER A 174 10.72 12.35 27.66
N ALA A 175 10.36 11.86 26.46
CA ALA A 175 9.58 12.63 25.49
C ALA A 175 8.21 13.09 25.99
N HIS A 176 7.64 12.48 27.03
CA HIS A 176 6.38 12.91 27.60
C HIS A 176 6.57 14.19 28.41
N SER A 177 7.79 14.70 28.49
CA SER A 177 8.06 16.00 29.02
C SER A 177 7.63 17.17 28.13
N VAL A 178 7.36 16.94 26.84
CA VAL A 178 6.98 17.93 25.87
C VAL A 178 5.88 17.24 25.07
N ALA A 179 4.72 17.12 25.72
CA ALA A 179 3.65 16.26 25.22
C ALA A 179 2.32 16.51 25.89
N ALA A 180 1.25 16.29 25.12
CA ALA A 180 -0.12 16.40 25.59
C ALA A 180 -0.97 15.26 25.02
N VAL A 181 -2.13 14.94 25.61
CA VAL A 181 -2.96 13.89 25.05
C VAL A 181 -4.30 14.46 24.62
N ASN A 182 -4.60 14.06 23.39
CA ASN A 182 -5.76 14.57 22.70
C ASN A 182 -6.90 13.62 22.73
N ASP A 183 -6.58 12.33 22.83
CA ASP A 183 -7.54 11.29 22.58
C ASP A 183 -7.88 10.32 23.64
N VAL A 184 -7.33 10.46 24.83
CA VAL A 184 -7.65 9.50 25.84
C VAL A 184 -8.90 9.93 26.58
N ASP A 185 -8.99 11.23 26.78
CA ASP A 185 -10.13 11.74 27.54
C ASP A 185 -11.04 12.29 26.47
N PRO A 186 -12.25 11.78 26.26
CA PRO A 186 -13.05 12.15 25.10
C PRO A 186 -13.61 13.54 25.28
N THR A 187 -13.57 14.13 26.49
CA THR A 187 -14.13 15.43 26.74
C THR A 187 -13.17 16.60 26.59
N VAL A 188 -11.85 16.41 26.46
CA VAL A 188 -10.94 17.54 26.36
C VAL A 188 -9.66 17.06 25.68
N GLN A 189 -9.02 17.95 24.95
CA GLN A 189 -7.85 17.60 24.17
C GLN A 189 -6.72 18.46 24.69
N GLY A 190 -5.49 17.97 24.55
CA GLY A 190 -4.37 18.80 24.87
C GLY A 190 -4.05 18.84 26.35
N LEU A 191 -4.34 17.76 27.08
CA LEU A 191 -4.01 17.74 28.51
C LEU A 191 -2.56 17.31 28.63
N PRO A 192 -1.63 18.12 29.14
CA PRO A 192 -0.21 17.78 29.19
C PRO A 192 0.17 16.68 30.19
N PHE A 193 1.23 15.98 29.80
CA PHE A 193 1.82 15.02 30.68
C PHE A 193 2.54 15.73 31.82
N ASP A 194 3.06 16.95 31.67
CA ASP A 194 3.65 17.60 32.81
C ASP A 194 3.35 19.09 32.81
N SER A 195 3.79 19.81 33.85
CA SER A 195 3.45 21.21 33.99
C SER A 195 4.25 22.07 33.02
N THR A 196 5.27 21.52 32.34
CA THR A 196 6.03 22.35 31.41
C THR A 196 6.14 21.73 30.01
N PRO A 197 5.07 21.52 29.24
CA PRO A 197 5.10 20.87 27.90
C PRO A 197 5.91 21.51 26.76
N GLY A 198 6.32 22.76 26.86
CA GLY A 198 7.22 23.33 25.88
C GLY A 198 8.66 23.33 26.42
N ILE A 199 8.94 22.68 27.56
CA ILE A 199 10.30 22.68 28.12
C ILE A 199 10.73 21.24 28.28
N PHE A 200 11.88 20.85 27.73
CA PHE A 200 12.40 19.52 27.95
C PHE A 200 13.18 19.56 29.28
N ASP A 201 12.58 18.96 30.30
CA ASP A 201 13.10 19.05 31.66
C ASP A 201 12.63 17.81 32.41
N SER A 202 12.88 17.59 33.71
CA SER A 202 12.43 16.40 34.41
C SER A 202 11.12 16.52 35.18
N GLN A 203 10.32 17.58 34.95
CA GLN A 203 9.03 17.68 35.61
C GLN A 203 8.13 16.52 35.28
N PHE A 204 8.22 15.89 34.11
CA PHE A 204 7.45 14.67 33.90
C PHE A 204 7.76 13.60 34.99
N PHE A 205 9.04 13.44 35.34
CA PHE A 205 9.44 12.45 36.29
C PHE A 205 9.11 12.86 37.72
N VAL A 206 9.14 14.15 38.07
CA VAL A 206 8.72 14.61 39.40
C VAL A 206 7.21 14.35 39.58
N GLU A 207 6.44 14.76 38.59
CA GLU A 207 5.00 14.83 38.76
C GLU A 207 4.19 13.58 38.63
N THR A 208 4.73 12.56 37.96
CA THR A 208 4.06 11.26 37.89
C THR A 208 4.29 10.55 39.22
N GLN A 209 5.27 11.00 40.02
CA GLN A 209 5.56 10.44 41.33
C GLN A 209 4.62 10.90 42.44
N PHE A 210 3.80 11.95 42.20
CA PHE A 210 2.83 12.38 43.22
C PHE A 210 1.67 11.39 43.31
N ARG A 211 1.12 11.23 44.52
CA ARG A 211 -0.07 10.43 44.67
C ARG A 211 -1.21 10.96 43.78
N GLY A 212 -1.99 10.11 43.13
CA GLY A 212 -3.04 10.58 42.28
C GLY A 212 -4.22 11.00 43.12
N THR A 213 -4.65 12.24 42.92
CA THR A 213 -5.75 12.82 43.65
C THR A 213 -6.96 13.25 42.85
N LEU A 214 -6.89 13.40 41.52
CA LEU A 214 -7.99 13.97 40.73
C LEU A 214 -7.88 13.53 39.27
N PHE A 215 -8.98 13.51 38.54
CA PHE A 215 -8.93 13.34 37.11
C PHE A 215 -8.88 14.75 36.53
N PRO A 216 -8.15 15.16 35.50
CA PRO A 216 -8.17 16.53 35.05
C PRO A 216 -9.45 16.89 34.34
N GLY A 217 -10.05 15.94 33.64
CA GLY A 217 -11.29 16.11 32.89
C GLY A 217 -12.30 15.05 33.30
N SER A 218 -12.75 14.11 32.46
CA SER A 218 -13.61 13.05 32.92
C SER A 218 -12.76 11.91 33.49
N GLY A 219 -13.40 11.04 34.25
CA GLY A 219 -12.78 9.85 34.78
C GLY A 219 -13.26 8.66 33.97
N GLY A 220 -12.95 7.41 34.30
CA GLY A 220 -13.47 6.26 33.54
C GLY A 220 -12.97 6.13 32.10
N ASN A 221 -11.74 6.53 31.78
CA ASN A 221 -11.26 6.45 30.42
C ASN A 221 -10.19 5.40 30.43
N GLN A 222 -10.17 4.57 29.39
CA GLN A 222 -9.26 3.46 29.36
C GLN A 222 -7.84 3.99 29.23
N GLY A 223 -6.94 3.59 30.14
CA GLY A 223 -5.55 3.98 30.03
C GLY A 223 -5.21 5.18 30.87
N GLU A 224 -6.15 5.83 31.54
CA GLU A 224 -5.90 7.03 32.35
C GLU A 224 -6.09 6.76 33.82
N VAL A 225 -5.25 7.27 34.71
CA VAL A 225 -5.43 7.13 36.15
C VAL A 225 -5.38 8.55 36.70
N GLU A 226 -5.57 8.75 38.00
CA GLU A 226 -5.58 10.09 38.54
C GLU A 226 -4.23 10.74 38.49
N SER A 227 -4.10 12.07 38.35
CA SER A 227 -2.80 12.68 38.48
C SER A 227 -2.84 13.36 39.84
N GLY A 228 -1.77 14.01 40.29
CA GLY A 228 -1.85 14.80 41.49
C GLY A 228 -1.98 16.27 41.10
N MET A 229 -2.23 16.69 39.86
CA MET A 229 -2.28 18.12 39.49
C MET A 229 -3.41 18.46 38.53
N ALA A 230 -4.09 19.56 38.79
CA ALA A 230 -5.17 20.01 37.94
C ALA A 230 -4.63 20.30 36.53
N GLY A 231 -5.39 19.88 35.52
CA GLY A 231 -5.09 20.05 34.12
C GLY A 231 -4.08 19.04 33.61
N GLU A 232 -3.47 18.23 34.47
CA GLU A 232 -2.43 17.34 34.01
C GLU A 232 -3.00 15.93 33.80
N ILE A 233 -2.74 15.22 32.70
CA ILE A 233 -3.24 13.87 32.63
C ILE A 233 -2.08 12.92 33.02
N ARG A 234 -2.43 11.72 33.53
CA ARG A 234 -1.48 10.66 33.86
C ARG A 234 -2.03 9.41 33.21
N ILE A 235 -1.24 8.70 32.40
CA ILE A 235 -1.70 7.45 31.83
C ILE A 235 -1.12 6.35 32.72
N GLN A 236 -1.80 5.22 32.74
CA GLN A 236 -1.48 4.09 33.58
C GLN A 236 -0.10 3.52 33.40
N THR A 237 0.41 3.39 32.18
CA THR A 237 1.76 2.89 31.97
C THR A 237 2.82 3.79 32.58
N ASP A 238 2.63 5.10 32.49
CA ASP A 238 3.56 6.00 33.12
C ASP A 238 3.45 5.95 34.63
N HIS A 239 2.24 5.82 35.15
CA HIS A 239 1.98 5.71 36.56
C HIS A 239 2.71 4.53 37.14
N THR A 240 2.54 3.35 36.55
CA THR A 240 3.15 2.15 37.07
C THR A 240 4.62 2.05 36.73
N LEU A 241 5.18 2.58 35.63
CA LEU A 241 6.63 2.58 35.45
C LEU A 241 7.32 3.43 36.52
N ALA A 242 6.61 4.47 37.01
CA ALA A 242 7.15 5.30 38.10
C ALA A 242 7.27 4.55 39.42
N ARG A 243 6.44 3.54 39.61
CA ARG A 243 6.36 2.82 40.86
C ARG A 243 6.92 1.45 40.87
N ASP A 244 7.05 0.87 39.68
CA ASP A 244 7.50 -0.51 39.56
C ASP A 244 8.93 -0.64 40.07
N SER A 245 9.30 -1.75 40.71
CA SER A 245 10.64 -1.92 41.28
C SER A 245 11.74 -1.97 40.23
N ARG A 246 11.40 -2.25 38.98
CA ARG A 246 12.43 -2.35 37.95
C ARG A 246 12.85 -1.00 37.39
N THR A 247 11.93 -0.04 37.47
CA THR A 247 12.10 1.21 36.78
C THR A 247 12.01 2.38 37.74
N ALA A 248 11.54 2.18 38.96
CA ALA A 248 11.33 3.24 39.92
C ALA A 248 12.59 4.03 40.21
N CYS A 249 13.76 3.41 40.45
CA CYS A 249 14.92 4.22 40.76
C CYS A 249 15.45 4.91 39.51
N GLU A 250 15.23 4.36 38.32
CA GLU A 250 15.69 5.03 37.11
C GLU A 250 14.78 6.23 36.85
N TRP A 251 13.46 6.07 37.09
CA TRP A 251 12.47 7.14 36.94
C TRP A 251 12.90 8.35 37.74
N GLN A 252 13.19 8.07 39.02
CA GLN A 252 13.59 9.07 39.97
C GLN A 252 14.95 9.68 39.66
N SER A 253 15.90 8.96 39.04
CA SER A 253 17.26 9.47 38.80
C SER A 253 17.35 10.75 37.99
N PHE A 254 16.31 10.97 37.16
CA PHE A 254 16.21 12.16 36.34
C PHE A 254 15.87 13.42 37.08
N VAL A 255 15.20 13.29 38.24
CA VAL A 255 14.77 14.43 39.06
C VAL A 255 15.96 15.26 39.47
N GLY A 256 16.06 16.52 39.09
CA GLY A 256 17.22 17.29 39.49
C GLY A 256 18.52 16.92 38.76
N ASN A 257 18.45 16.14 37.66
CA ASN A 257 19.64 15.76 36.94
C ASN A 257 19.44 15.90 35.44
N GLN A 258 19.64 17.15 35.04
CA GLN A 258 19.51 17.59 33.65
C GLN A 258 20.49 16.96 32.70
N SER A 259 21.76 16.83 33.09
CA SER A 259 22.77 16.29 32.21
C SER A 259 22.48 14.82 31.89
N LYS A 260 21.93 14.07 32.86
CA LYS A 260 21.60 12.67 32.62
C LYS A 260 20.40 12.62 31.70
N LEU A 261 19.40 13.47 31.92
CA LEU A 261 18.23 13.49 31.09
C LEU A 261 18.59 13.70 29.61
N VAL A 262 19.41 14.71 29.40
CA VAL A 262 19.79 15.17 28.09
C VAL A 262 20.71 14.18 27.41
N ASP A 263 21.78 13.76 28.05
CA ASP A 263 22.68 12.80 27.40
C ASP A 263 21.98 11.47 27.17
N ASP A 264 21.17 10.98 28.10
CA ASP A 264 20.45 9.75 27.80
C ASP A 264 19.46 9.93 26.68
N PHE A 265 18.65 11.01 26.60
CA PHE A 265 17.64 11.12 25.56
C PHE A 265 18.30 11.38 24.21
N GLN A 266 19.40 12.13 24.09
CA GLN A 266 20.10 12.34 22.83
C GLN A 266 20.42 10.98 22.22
N PHE A 267 20.97 10.13 23.07
CA PHE A 267 21.30 8.80 22.67
C PHE A 267 20.09 7.98 22.23
N ILE A 268 19.10 7.87 23.12
CA ILE A 268 17.99 6.99 22.82
C ILE A 268 17.14 7.47 21.63
N PHE A 269 17.03 8.79 21.43
CA PHE A 269 16.23 9.26 20.32
C PHE A 269 16.95 8.89 19.02
N LEU A 270 18.26 9.10 18.88
CA LEU A 270 18.98 8.68 17.68
C LEU A 270 18.80 7.19 17.45
N ALA A 271 18.88 6.34 18.48
CA ALA A 271 18.65 4.92 18.33
C ALA A 271 17.24 4.62 17.75
N LEU A 272 16.14 5.21 18.25
CA LEU A 272 14.81 5.02 17.64
C LEU A 272 14.81 5.32 16.15
N THR A 273 15.39 6.46 15.82
CA THR A 273 15.53 6.95 14.46
C THR A 273 16.29 5.95 13.53
N GLN A 274 17.12 5.05 14.07
CA GLN A 274 17.85 4.16 13.22
C GLN A 274 17.30 2.76 13.30
N LEU A 275 16.13 2.49 13.91
CA LEU A 275 15.64 1.12 13.94
C LEU A 275 15.35 0.70 12.51
N GLY A 276 15.80 -0.52 12.18
CA GLY A 276 15.60 -1.10 10.86
C GLY A 276 16.56 -0.56 9.83
N GLN A 277 17.60 0.14 10.25
CA GLN A 277 18.53 0.81 9.35
C GLN A 277 19.91 0.36 9.76
N ASP A 278 20.87 0.60 8.87
CA ASP A 278 22.26 0.31 9.19
C ASP A 278 22.90 1.67 9.35
N PRO A 279 23.37 2.10 10.52
CA PRO A 279 23.92 3.43 10.78
C PRO A 279 25.11 3.74 9.90
N ASN A 280 25.78 2.69 9.49
CA ASN A 280 27.01 2.86 8.75
C ASN A 280 26.72 3.10 7.27
N ALA A 281 25.47 2.92 6.85
CA ALA A 281 25.06 3.27 5.51
C ALA A 281 24.32 4.63 5.51
N MET A 282 24.32 5.41 6.60
CA MET A 282 23.51 6.63 6.63
C MET A 282 24.39 7.86 6.54
N THR A 283 23.86 9.00 6.17
CA THR A 283 24.69 10.16 6.01
C THR A 283 24.36 11.09 7.15
N ASP A 284 25.42 11.54 7.80
CA ASP A 284 25.22 12.44 8.92
C ASP A 284 24.95 13.88 8.44
N CYS A 285 23.75 14.37 8.76
CA CYS A 285 23.39 15.75 8.45
C CYS A 285 22.99 16.46 9.73
N SER A 286 23.51 16.03 10.90
CA SER A 286 23.34 16.71 12.18
C SER A 286 23.72 18.19 12.08
N ASP A 287 24.64 18.57 11.19
CA ASP A 287 24.99 19.98 11.05
C ASP A 287 23.85 20.89 10.63
N VAL A 288 22.74 20.33 10.14
CA VAL A 288 21.64 21.15 9.67
C VAL A 288 20.76 21.46 10.85
N ILE A 289 20.67 20.59 11.85
CA ILE A 289 19.76 20.80 12.95
C ILE A 289 20.21 22.02 13.72
N PRO A 290 19.36 22.98 14.01
CA PRO A 290 19.72 24.17 14.78
C PRO A 290 20.06 23.88 16.25
N LEU A 291 20.80 24.77 16.87
CA LEU A 291 21.26 24.60 18.22
C LEU A 291 20.08 24.74 19.18
N SER A 292 20.03 23.85 20.18
CA SER A 292 18.98 23.87 21.19
C SER A 292 19.29 24.99 22.15
N LYS A 293 18.23 25.53 22.71
CA LYS A 293 18.28 26.66 23.59
C LYS A 293 18.30 26.14 25.00
N PRO A 294 19.04 26.78 25.89
CA PRO A 294 18.95 26.54 27.32
C PRO A 294 17.57 26.81 27.92
N ILE A 295 17.27 26.24 29.08
CA ILE A 295 16.04 26.52 29.75
C ILE A 295 16.28 27.93 30.33
N PRO A 296 15.41 28.89 30.04
CA PRO A 296 15.76 30.28 30.16
C PRO A 296 15.91 31.00 31.52
N GLY A 297 15.22 30.70 32.62
CA GLY A 297 15.34 31.55 33.80
C GLY A 297 16.60 31.27 34.60
N ASN A 298 16.47 31.44 35.92
CA ASN A 298 17.54 31.14 36.88
C ASN A 298 16.94 30.32 38.03
N GLY A 299 16.13 29.33 37.61
CA GLY A 299 15.36 28.59 38.60
C GLY A 299 16.11 27.32 38.94
N PRO A 300 15.67 26.57 39.95
CA PRO A 300 16.03 25.16 40.09
C PRO A 300 15.62 24.38 38.83
N PHE A 301 16.45 23.47 38.29
CA PHE A 301 16.02 22.61 37.19
C PHE A 301 14.75 21.79 37.53
N SER A 302 14.60 21.22 38.74
CA SER A 302 13.40 20.48 39.10
C SER A 302 12.89 21.11 40.36
N PHE A 303 11.60 21.02 40.56
CA PHE A 303 10.91 21.65 41.68
C PHE A 303 9.59 20.91 41.85
N PHE A 304 8.94 21.28 42.95
CA PHE A 304 7.61 20.80 43.23
C PHE A 304 6.79 22.01 42.76
N PRO A 305 5.79 21.80 41.92
CA PRO A 305 4.84 22.82 41.54
C PRO A 305 4.12 23.45 42.73
N PRO A 306 3.54 24.65 42.75
CA PRO A 306 2.82 25.23 43.89
C PRO A 306 1.82 24.30 44.51
N GLY A 307 1.83 24.20 45.83
CA GLY A 307 0.85 23.37 46.48
C GLY A 307 1.23 21.91 46.54
N LYS A 308 2.46 21.50 46.12
CA LYS A 308 2.91 20.13 46.27
C LYS A 308 4.17 20.19 47.11
N SER A 309 4.49 19.13 47.82
CA SER A 309 5.68 19.07 48.65
C SER A 309 6.06 17.60 48.64
N HIS A 310 7.13 17.34 49.35
CA HIS A 310 7.69 16.01 49.51
C HIS A 310 6.70 15.02 50.09
N SER A 311 5.73 15.44 50.94
CA SER A 311 4.69 14.57 51.49
C SER A 311 3.79 13.99 50.39
N ASP A 312 3.71 14.65 49.24
CA ASP A 312 2.86 14.11 48.17
C ASP A 312 3.52 13.01 47.32
N ILE A 313 4.82 12.83 47.53
CA ILE A 313 5.61 11.91 46.75
C ILE A 313 5.27 10.51 47.21
N GLU A 314 5.11 9.59 46.29
CA GLU A 314 4.98 8.20 46.66
C GLU A 314 6.36 7.63 46.42
N GLN A 315 7.17 7.56 47.47
CA GLN A 315 8.50 7.00 47.37
C GLN A 315 8.43 5.57 46.80
N ALA A 316 8.95 5.32 45.61
CA ALA A 316 8.99 3.97 45.08
C ALA A 316 10.41 3.42 44.93
N CYS A 317 11.44 4.26 44.78
CA CYS A 317 12.83 3.83 44.69
C CYS A 317 13.23 3.54 46.15
N ALA A 318 13.53 2.30 46.50
CA ALA A 318 13.83 1.95 47.87
C ALA A 318 15.24 2.31 48.25
N GLU A 319 16.13 2.42 47.28
CA GLU A 319 17.53 2.65 47.57
C GLU A 319 17.89 4.11 47.76
N THR A 320 17.21 5.02 47.07
CA THR A 320 17.58 6.40 47.18
C THR A 320 16.33 7.16 47.57
N PRO A 321 16.37 8.00 48.60
CA PRO A 321 15.25 8.86 48.93
C PRO A 321 15.03 9.89 47.81
N PHE A 322 13.76 10.19 47.59
CA PHE A 322 13.39 11.22 46.65
C PHE A 322 14.10 12.52 47.03
N PRO A 323 14.79 13.23 46.13
CA PRO A 323 15.42 14.49 46.48
C PRO A 323 14.54 15.58 47.10
N SER A 324 15.24 16.45 47.79
CA SER A 324 14.56 17.54 48.44
C SER A 324 14.56 18.68 47.42
N LEU A 325 13.38 18.92 46.87
CA LEU A 325 13.19 20.01 45.95
C LEU A 325 12.44 21.13 46.66
N VAL A 326 12.64 22.35 46.16
CA VAL A 326 11.86 23.49 46.59
C VAL A 326 10.44 23.35 46.08
N THR A 327 9.52 24.00 46.77
CA THR A 327 8.16 24.06 46.30
C THR A 327 8.08 25.48 45.80
N LEU A 328 7.60 25.66 44.57
CA LEU A 328 7.43 26.98 44.06
C LEU A 328 6.29 27.65 44.81
N PRO A 329 6.38 28.97 44.96
CA PRO A 329 5.42 29.77 45.68
C PRO A 329 4.02 29.84 45.08
N GLY A 330 3.04 29.93 45.98
CA GLY A 330 1.69 30.15 45.53
C GLY A 330 0.78 28.97 45.82
N PRO A 331 -0.55 29.12 45.70
CA PRO A 331 -1.52 28.04 45.81
C PRO A 331 -1.39 27.06 44.65
N ALA A 332 -2.03 25.90 44.74
CA ALA A 332 -1.98 24.94 43.66
C ALA A 332 -2.59 25.54 42.39
N THR A 333 -2.00 25.23 41.24
CA THR A 333 -2.42 25.69 39.92
C THR A 333 -3.06 24.58 39.07
N SER A 334 -3.52 24.96 37.87
CA SER A 334 -4.09 24.09 36.86
C SER A 334 -3.09 24.25 35.71
N VAL A 335 -2.56 23.16 35.17
CA VAL A 335 -1.67 23.20 34.02
C VAL A 335 -2.53 23.54 32.79
N ALA A 336 -2.15 24.47 31.92
CA ALA A 336 -2.97 24.80 30.76
C ALA A 336 -2.86 23.77 29.64
N ARG A 337 -3.96 23.67 28.88
CA ARG A 337 -4.08 22.77 27.75
C ARG A 337 -3.37 23.34 26.52
N ILE A 338 -2.82 22.48 25.68
CA ILE A 338 -2.19 22.90 24.43
C ILE A 338 -3.23 22.37 23.47
N PRO A 339 -3.94 23.22 22.73
CA PRO A 339 -4.89 22.76 21.71
C PRO A 339 -4.11 22.07 20.59
N PRO A 340 -4.51 20.89 20.13
CA PRO A 340 -3.99 20.22 18.93
C PRO A 340 -4.08 21.04 17.66
N HIS A 341 -3.29 20.64 16.68
CA HIS A 341 -3.22 21.33 15.41
C HIS A 341 -4.49 21.28 14.55
N LYS A 342 -4.79 22.40 13.88
CA LYS A 342 -5.91 22.50 12.93
C LYS A 342 -5.70 21.60 11.70
N ALA A 343 -6.55 20.59 11.46
CA ALA A 343 -6.47 19.63 10.33
C ALA A 343 -5.42 18.52 10.56
N ALA B 1 -37.12 -23.24 -28.24
CA ALA B 1 -37.02 -23.97 -29.47
C ALA B 1 -36.18 -25.17 -29.13
N THR B 2 -36.42 -26.37 -29.64
CA THR B 2 -35.59 -27.52 -29.32
C THR B 2 -34.77 -27.84 -30.56
N CYS B 3 -33.46 -27.82 -30.46
CA CYS B 3 -32.63 -28.08 -31.59
C CYS B 3 -32.64 -29.55 -31.88
N ALA B 4 -32.07 -29.86 -33.04
CA ALA B 4 -32.02 -31.22 -33.49
C ALA B 4 -31.27 -32.14 -32.50
N ASN B 5 -30.38 -31.63 -31.66
CA ASN B 5 -29.70 -32.47 -30.72
C ASN B 5 -30.49 -32.58 -29.41
N GLY B 6 -31.76 -32.15 -29.36
CA GLY B 6 -32.58 -32.16 -28.15
C GLY B 6 -32.31 -31.02 -27.18
N LYS B 7 -31.38 -30.11 -27.46
CA LYS B 7 -31.14 -29.00 -26.55
C LYS B 7 -32.15 -27.86 -26.77
N THR B 8 -32.44 -27.17 -25.68
CA THR B 8 -33.39 -26.07 -25.63
C THR B 8 -32.63 -24.78 -25.63
N VAL B 9 -33.01 -23.95 -26.59
CA VAL B 9 -32.51 -22.59 -26.70
C VAL B 9 -33.75 -21.70 -26.75
N GLY B 10 -33.56 -20.38 -26.69
CA GLY B 10 -34.66 -19.45 -26.83
C GLY B 10 -34.90 -19.36 -28.32
N ASP B 11 -34.15 -18.58 -29.04
CA ASP B 11 -34.39 -18.43 -30.46
C ASP B 11 -33.98 -19.64 -31.27
N ALA B 12 -34.76 -20.21 -32.14
CA ALA B 12 -34.34 -21.32 -32.99
C ALA B 12 -33.12 -21.06 -33.84
N SER B 13 -32.84 -19.79 -34.14
CA SER B 13 -31.62 -19.48 -34.89
C SER B 13 -30.33 -19.85 -34.20
N CYS B 14 -30.36 -19.93 -32.85
CA CYS B 14 -29.21 -20.33 -32.06
C CYS B 14 -28.84 -21.80 -32.33
N CYS B 15 -29.76 -22.66 -32.76
CA CYS B 15 -29.52 -24.05 -33.03
C CYS B 15 -28.48 -24.29 -34.10
N ALA B 16 -28.36 -23.35 -35.04
CA ALA B 16 -27.38 -23.51 -36.09
C ALA B 16 -25.96 -23.37 -35.52
N TRP B 17 -25.80 -22.82 -34.29
CA TRP B 17 -24.47 -22.69 -33.74
C TRP B 17 -23.88 -23.92 -33.11
N PHE B 18 -24.71 -24.95 -32.93
CA PHE B 18 -24.25 -26.22 -32.41
C PHE B 18 -23.33 -26.90 -33.43
N ASP B 19 -23.53 -26.76 -34.73
CA ASP B 19 -22.59 -27.34 -35.69
C ASP B 19 -21.21 -26.69 -35.63
N VAL B 20 -21.30 -25.37 -35.41
CA VAL B 20 -20.13 -24.53 -35.30
C VAL B 20 -19.36 -24.92 -34.03
N LEU B 21 -20.04 -25.07 -32.90
CA LEU B 21 -19.43 -25.48 -31.64
C LEU B 21 -18.69 -26.80 -31.76
N ASP B 22 -19.38 -27.75 -32.37
CA ASP B 22 -18.79 -29.05 -32.62
C ASP B 22 -17.53 -28.91 -33.43
N ASP B 23 -17.59 -28.23 -34.56
CA ASP B 23 -16.42 -28.10 -35.37
C ASP B 23 -15.27 -27.39 -34.66
N ILE B 24 -15.45 -26.21 -34.05
CA ILE B 24 -14.30 -25.54 -33.44
C ILE B 24 -13.81 -26.25 -32.17
N GLN B 25 -14.61 -26.97 -31.38
CA GLN B 25 -14.08 -27.66 -30.20
C GLN B 25 -13.10 -28.76 -30.58
N ALA B 26 -13.44 -29.48 -31.63
CA ALA B 26 -12.61 -30.56 -32.13
C ALA B 26 -11.47 -30.08 -32.98
N ASN B 27 -11.72 -29.18 -33.93
CA ASN B 27 -10.74 -28.79 -34.91
C ASN B 27 -10.01 -27.50 -34.64
N MET B 28 -10.38 -26.69 -33.68
CA MET B 28 -9.60 -25.51 -33.40
C MET B 28 -9.11 -25.64 -31.97
N PHE B 29 -9.94 -26.08 -31.00
CA PHE B 29 -9.49 -26.20 -29.63
C PHE B 29 -8.92 -27.57 -29.23
N HIS B 30 -8.74 -28.50 -30.21
CA HIS B 30 -8.07 -29.80 -29.99
C HIS B 30 -8.75 -30.55 -28.87
N GLY B 31 -10.07 -30.67 -28.97
CA GLY B 31 -10.82 -31.35 -27.92
C GLY B 31 -11.15 -30.46 -26.76
N GLY B 32 -11.57 -29.21 -26.97
CA GLY B 32 -12.02 -28.39 -25.84
C GLY B 32 -10.96 -28.00 -24.83
N GLN B 33 -9.75 -27.74 -25.27
CA GLN B 33 -8.66 -27.31 -24.40
C GLN B 33 -8.65 -25.81 -24.24
N CYS B 34 -8.10 -25.37 -23.09
CA CYS B 34 -7.80 -23.98 -22.77
C CYS B 34 -6.30 -23.81 -23.02
N GLY B 35 -5.91 -24.06 -24.26
CA GLY B 35 -4.54 -23.92 -24.72
C GLY B 35 -4.29 -22.66 -25.56
N ALA B 36 -3.27 -22.74 -26.42
CA ALA B 36 -2.80 -21.62 -27.22
C ALA B 36 -3.92 -21.06 -28.10
N GLU B 37 -4.63 -21.93 -28.83
CA GLU B 37 -5.72 -21.48 -29.69
C GLU B 37 -6.84 -20.84 -28.91
N ALA B 38 -7.20 -21.36 -27.73
CA ALA B 38 -8.23 -20.79 -26.90
C ALA B 38 -7.76 -19.41 -26.53
N HIS B 39 -6.52 -19.29 -26.08
CA HIS B 39 -6.00 -18.02 -25.62
C HIS B 39 -5.95 -17.02 -26.77
N GLU B 40 -5.58 -17.48 -27.97
CA GLU B 40 -5.51 -16.65 -29.15
C GLU B 40 -6.89 -16.09 -29.51
N SER B 41 -7.92 -16.96 -29.39
CA SER B 41 -9.27 -16.57 -29.71
C SER B 41 -9.79 -15.57 -28.70
N ILE B 42 -9.44 -15.63 -27.42
CA ILE B 42 -9.94 -14.72 -26.45
C ILE B 42 -9.31 -13.36 -26.74
N ARG B 43 -8.03 -13.35 -27.11
CA ARG B 43 -7.30 -12.14 -27.42
C ARG B 43 -7.95 -11.44 -28.57
N LEU B 44 -8.32 -12.21 -29.61
CA LEU B 44 -8.88 -11.66 -30.83
C LEU B 44 -10.20 -10.95 -30.59
N VAL B 45 -10.99 -11.33 -29.58
CA VAL B 45 -12.20 -10.58 -29.24
C VAL B 45 -11.81 -9.11 -28.95
N PHE B 46 -10.77 -8.89 -28.14
CA PHE B 46 -10.38 -7.55 -27.76
C PHE B 46 -9.95 -6.67 -28.93
N HIS B 47 -9.16 -7.23 -29.83
CA HIS B 47 -8.55 -6.46 -30.90
C HIS B 47 -9.57 -6.22 -31.97
N ASP B 48 -10.61 -7.07 -32.08
CA ASP B 48 -11.70 -6.73 -32.99
C ASP B 48 -12.52 -5.59 -32.37
N SER B 49 -12.93 -5.81 -31.12
CA SER B 49 -13.88 -4.99 -30.43
C SER B 49 -13.45 -3.61 -30.04
N ILE B 50 -12.30 -3.41 -29.42
CA ILE B 50 -11.91 -2.09 -28.93
C ILE B 50 -11.58 -1.04 -30.00
N ALA B 51 -11.45 -1.50 -31.24
CA ALA B 51 -11.20 -0.58 -32.35
C ALA B 51 -12.49 0.12 -32.81
N ILE B 52 -12.87 1.10 -32.01
CA ILE B 52 -14.02 1.93 -32.26
C ILE B 52 -13.68 3.22 -31.51
N SER B 53 -13.91 4.41 -32.07
CA SER B 53 -13.57 5.61 -31.38
C SER B 53 -14.63 6.66 -31.64
N PRO B 54 -15.58 6.87 -30.72
CA PRO B 54 -16.51 7.97 -30.76
C PRO B 54 -15.82 9.30 -30.95
N ALA B 55 -14.65 9.46 -30.35
CA ALA B 55 -13.89 10.69 -30.45
C ALA B 55 -13.46 10.98 -31.87
N MET B 56 -13.09 9.91 -32.56
CA MET B 56 -12.66 10.03 -33.94
C MET B 56 -13.77 10.43 -34.88
N GLU B 57 -14.90 9.77 -34.68
CA GLU B 57 -16.11 10.05 -35.43
C GLU B 57 -16.56 11.50 -35.35
N ALA B 58 -16.38 12.04 -34.15
CA ALA B 58 -16.77 13.38 -33.81
C ALA B 58 -15.91 14.40 -34.56
N LYS B 59 -14.76 13.95 -35.04
CA LYS B 59 -13.94 14.78 -35.88
C LYS B 59 -14.27 14.38 -37.31
N GLY B 60 -13.48 14.74 -38.32
CA GLY B 60 -13.87 14.29 -39.65
C GLY B 60 -13.43 12.84 -39.91
N LYS B 61 -13.79 11.80 -39.14
CA LYS B 61 -13.11 10.51 -39.34
C LYS B 61 -13.79 9.23 -38.88
N PHE B 62 -13.71 8.18 -39.70
CA PHE B 62 -14.25 6.88 -39.33
C PHE B 62 -13.39 6.39 -38.15
N GLY B 63 -13.99 6.02 -37.03
CA GLY B 63 -13.22 5.59 -35.90
C GLY B 63 -13.29 4.09 -35.72
N GLY B 64 -13.65 3.25 -36.69
CA GLY B 64 -13.79 1.83 -36.46
C GLY B 64 -15.21 1.45 -36.02
N GLY B 65 -15.61 0.20 -36.25
CA GLY B 65 -16.97 -0.22 -35.98
C GLY B 65 -17.09 -1.18 -34.83
N GLY B 66 -16.14 -1.31 -33.91
CA GLY B 66 -16.32 -2.25 -32.81
C GLY B 66 -16.15 -3.72 -33.24
N ALA B 67 -16.96 -4.52 -32.58
CA ALA B 67 -17.10 -5.95 -32.79
C ALA B 67 -17.87 -6.22 -34.11
N ASP B 68 -17.16 -6.10 -35.23
CA ASP B 68 -17.80 -6.19 -36.55
C ASP B 68 -17.09 -7.14 -37.48
N GLY B 69 -16.12 -7.84 -36.91
CA GLY B 69 -15.33 -8.77 -37.68
C GLY B 69 -14.35 -8.13 -38.60
N SER B 70 -14.00 -6.85 -38.42
CA SER B 70 -13.14 -6.21 -39.41
C SER B 70 -11.71 -6.63 -39.44
N ILE B 71 -11.27 -7.20 -38.31
CA ILE B 71 -9.87 -7.60 -38.22
C ILE B 71 -9.74 -8.87 -39.06
N MET B 72 -10.83 -9.61 -39.27
CA MET B 72 -10.82 -10.74 -40.17
C MET B 72 -11.11 -10.34 -41.63
N ILE B 73 -12.17 -9.62 -41.91
CA ILE B 73 -12.52 -9.20 -43.24
C ILE B 73 -11.39 -8.41 -43.91
N PHE B 74 -10.83 -7.48 -43.13
CA PHE B 74 -9.77 -6.61 -43.60
C PHE B 74 -8.50 -6.89 -42.83
N ASP B 75 -8.17 -8.18 -42.79
CA ASP B 75 -6.98 -8.63 -42.09
C ASP B 75 -5.69 -8.09 -42.68
N THR B 76 -5.57 -7.98 -44.00
CA THR B 76 -4.42 -7.40 -44.66
C THR B 76 -4.04 -6.04 -44.13
N ILE B 77 -5.05 -5.24 -43.77
CA ILE B 77 -4.77 -3.93 -43.19
C ILE B 77 -4.63 -3.99 -41.70
N GLU B 78 -5.62 -4.56 -41.02
CA GLU B 78 -5.58 -4.53 -39.59
C GLU B 78 -4.55 -5.40 -38.89
N THR B 79 -4.22 -6.59 -39.37
CA THR B 79 -3.27 -7.38 -38.62
C THR B 79 -1.87 -6.84 -38.82
N ALA B 80 -1.68 -5.91 -39.77
CA ALA B 80 -0.39 -5.29 -39.96
C ALA B 80 -0.18 -4.19 -38.93
N PHE B 81 -1.18 -3.74 -38.20
CA PHE B 81 -0.93 -2.73 -37.17
C PHE B 81 -0.04 -3.30 -36.06
N HIS B 82 1.03 -2.61 -35.63
CA HIS B 82 1.91 -3.13 -34.59
C HIS B 82 1.19 -3.60 -33.33
N PRO B 83 0.08 -3.01 -32.79
CA PRO B 83 -0.65 -3.60 -31.68
C PRO B 83 -1.26 -4.97 -31.92
N ASN B 84 -1.44 -5.38 -33.17
CA ASN B 84 -2.10 -6.61 -33.51
C ASN B 84 -1.13 -7.64 -33.95
N ILE B 85 0.11 -7.46 -33.56
CA ILE B 85 1.18 -8.36 -33.93
C ILE B 85 0.79 -9.77 -33.55
N GLY B 86 1.04 -10.75 -34.42
CA GLY B 86 0.70 -12.14 -34.11
C GLY B 86 -0.72 -12.48 -34.52
N LEU B 87 -1.63 -11.52 -34.75
CA LEU B 87 -2.99 -11.90 -35.10
C LEU B 87 -3.21 -12.26 -36.54
N ASP B 88 -2.28 -12.04 -37.46
CA ASP B 88 -2.44 -12.55 -38.82
C ASP B 88 -2.57 -14.05 -38.74
N GLU B 89 -1.89 -14.73 -37.79
CA GLU B 89 -2.00 -16.17 -37.67
C GLU B 89 -3.31 -16.59 -37.09
N VAL B 90 -3.85 -15.87 -36.12
CA VAL B 90 -5.09 -16.23 -35.49
C VAL B 90 -6.24 -16.02 -36.46
N VAL B 91 -6.29 -14.92 -37.23
CA VAL B 91 -7.32 -14.71 -38.26
C VAL B 91 -7.22 -15.84 -39.26
N ALA B 92 -6.02 -16.15 -39.76
CA ALA B 92 -5.85 -17.21 -40.77
C ALA B 92 -6.32 -18.54 -40.23
N MET B 93 -6.13 -18.85 -38.96
CA MET B 93 -6.68 -20.05 -38.35
C MET B 93 -8.22 -20.02 -38.31
N GLN B 94 -8.84 -18.86 -38.03
CA GLN B 94 -10.29 -18.85 -37.92
C GLN B 94 -11.02 -18.71 -39.25
N LYS B 95 -10.54 -17.91 -40.21
CA LYS B 95 -11.19 -17.68 -41.51
C LYS B 95 -11.74 -18.92 -42.13
N PRO B 96 -11.06 -20.08 -42.31
CA PRO B 96 -11.67 -21.28 -42.88
C PRO B 96 -13.07 -21.68 -42.37
N PHE B 97 -13.27 -21.59 -41.06
CA PHE B 97 -14.50 -21.99 -40.39
C PHE B 97 -15.63 -21.04 -40.66
N VAL B 98 -15.34 -19.74 -40.78
CA VAL B 98 -16.33 -18.71 -41.03
C VAL B 98 -16.84 -19.05 -42.42
N GLN B 99 -15.94 -19.25 -43.38
CA GLN B 99 -16.33 -19.64 -44.71
C GLN B 99 -17.06 -20.97 -44.74
N LYS B 100 -16.66 -22.02 -44.01
CA LYS B 100 -17.37 -23.28 -44.07
C LYS B 100 -18.80 -23.19 -43.51
N HIS B 101 -18.93 -22.40 -42.46
CA HIS B 101 -20.19 -22.31 -41.77
C HIS B 101 -21.08 -21.21 -42.24
N GLY B 102 -20.67 -20.20 -42.98
CA GLY B 102 -21.55 -19.12 -43.43
C GLY B 102 -22.13 -18.26 -42.32
N VAL B 103 -21.31 -17.97 -41.31
CA VAL B 103 -21.65 -17.08 -40.21
C VAL B 103 -20.92 -15.77 -40.50
N THR B 104 -21.30 -14.67 -39.91
CA THR B 104 -20.57 -13.43 -40.12
C THR B 104 -19.22 -13.49 -39.36
N PRO B 105 -18.11 -12.90 -39.83
CA PRO B 105 -16.86 -12.83 -39.08
C PRO B 105 -17.03 -12.35 -37.66
N GLY B 106 -17.79 -11.29 -37.40
CA GLY B 106 -17.95 -10.73 -36.08
C GLY B 106 -18.57 -11.71 -35.12
N ASP B 107 -19.61 -12.44 -35.55
CA ASP B 107 -20.23 -13.40 -34.63
C ASP B 107 -19.34 -14.59 -34.28
N PHE B 108 -18.57 -15.01 -35.27
CA PHE B 108 -17.64 -16.09 -35.09
C PHE B 108 -16.58 -15.68 -34.08
N ILE B 109 -16.03 -14.48 -34.20
CA ILE B 109 -14.99 -14.06 -33.29
C ILE B 109 -15.57 -14.05 -31.89
N ALA B 110 -16.76 -13.49 -31.64
CA ALA B 110 -17.32 -13.52 -30.30
C ALA B 110 -17.70 -14.93 -29.79
N PHE B 111 -18.14 -15.78 -30.70
CA PHE B 111 -18.48 -17.14 -30.37
C PHE B 111 -17.22 -17.88 -29.94
N ALA B 112 -16.14 -17.82 -30.70
CA ALA B 112 -14.92 -18.55 -30.39
C ALA B 112 -14.28 -18.07 -29.09
N GLY B 113 -14.29 -16.76 -28.78
CA GLY B 113 -13.78 -16.27 -27.52
C GLY B 113 -14.54 -16.82 -26.33
N ALA B 114 -15.86 -16.97 -26.38
CA ALA B 114 -16.67 -17.48 -25.28
C ALA B 114 -16.50 -18.99 -25.16
N VAL B 115 -16.46 -19.75 -26.26
CA VAL B 115 -16.25 -21.20 -26.18
C VAL B 115 -14.85 -21.45 -25.64
N ALA B 116 -13.84 -20.73 -26.09
CA ALA B 116 -12.49 -20.83 -25.56
C ALA B 116 -12.46 -20.65 -24.02
N LEU B 117 -13.10 -19.61 -23.47
CA LEU B 117 -13.12 -19.44 -22.03
C LEU B 117 -13.91 -20.54 -21.35
N SER B 118 -15.00 -21.09 -21.90
CA SER B 118 -15.74 -22.14 -21.22
C SER B 118 -14.86 -23.36 -21.05
N ASN B 119 -13.80 -23.46 -21.85
CA ASN B 119 -12.84 -24.55 -21.71
C ASN B 119 -11.84 -24.35 -20.57
N CYS B 120 -11.81 -23.14 -19.95
CA CYS B 120 -10.83 -22.83 -18.92
C CYS B 120 -11.45 -23.00 -17.57
N PRO B 121 -11.08 -23.98 -16.73
CA PRO B 121 -11.69 -24.17 -15.41
C PRO B 121 -11.64 -22.84 -14.65
N GLY B 122 -12.67 -22.53 -13.89
CA GLY B 122 -12.79 -21.28 -13.14
C GLY B 122 -13.52 -20.20 -13.93
N ALA B 123 -13.71 -20.40 -15.25
CA ALA B 123 -14.32 -19.38 -16.12
C ALA B 123 -15.74 -19.01 -15.75
N PRO B 124 -16.22 -17.78 -16.00
CA PRO B 124 -17.63 -17.46 -15.83
C PRO B 124 -18.48 -18.33 -16.78
N GLN B 125 -19.81 -18.38 -16.65
CA GLN B 125 -20.62 -19.06 -17.65
C GLN B 125 -20.80 -17.98 -18.69
N MET B 126 -20.21 -18.17 -19.83
CA MET B 126 -20.17 -17.08 -20.80
C MET B 126 -21.41 -16.85 -21.67
N ASN B 127 -21.59 -15.59 -22.06
CA ASN B 127 -22.70 -15.20 -22.91
C ASN B 127 -22.29 -15.19 -24.39
N PHE B 128 -23.27 -15.30 -25.30
CA PHE B 128 -23.01 -15.23 -26.74
C PHE B 128 -24.28 -14.72 -27.35
N PHE B 129 -24.18 -13.53 -27.97
CA PHE B 129 -25.27 -12.91 -28.69
C PHE B 129 -24.93 -12.87 -30.17
N THR B 130 -25.82 -13.12 -31.12
CA THR B 130 -25.48 -13.04 -32.53
C THR B 130 -25.98 -11.72 -33.11
N GLY B 131 -25.63 -11.38 -34.36
CA GLY B 131 -26.17 -10.16 -34.96
C GLY B 131 -25.17 -9.16 -35.47
N ARG B 132 -23.86 -9.46 -35.51
CA ARG B 132 -22.85 -8.52 -35.90
C ARG B 132 -22.74 -8.56 -37.43
N LYS B 133 -23.19 -7.54 -38.15
CA LYS B 133 -23.05 -7.47 -39.61
C LYS B 133 -21.60 -7.39 -40.01
N PRO B 134 -21.24 -7.94 -41.20
CA PRO B 134 -19.92 -7.78 -41.78
C PRO B 134 -19.51 -6.31 -41.82
N ALA B 135 -18.30 -5.98 -41.32
CA ALA B 135 -17.74 -4.65 -41.44
C ALA B 135 -17.60 -4.26 -42.91
N THR B 136 -17.70 -2.98 -43.18
CA THR B 136 -17.52 -2.50 -44.53
C THR B 136 -16.23 -1.73 -44.62
N GLN B 137 -15.58 -1.42 -43.49
CA GLN B 137 -14.40 -0.59 -43.45
C GLN B 137 -13.50 -1.11 -42.36
N PRO B 138 -12.22 -1.17 -42.60
CA PRO B 138 -11.23 -1.48 -41.58
C PRO B 138 -11.17 -0.46 -40.48
N ALA B 139 -10.70 -0.85 -39.32
CA ALA B 139 -10.49 0.10 -38.24
C ALA B 139 -9.21 0.89 -38.55
N PRO B 140 -9.06 2.17 -38.15
CA PRO B 140 -7.77 2.83 -38.14
C PRO B 140 -6.85 2.21 -37.08
N ASP B 141 -5.59 2.55 -37.22
CA ASP B 141 -4.59 2.17 -36.25
C ASP B 141 -4.63 3.18 -35.12
N GLY B 142 -3.80 3.07 -34.09
CA GLY B 142 -3.86 3.99 -32.99
C GLY B 142 -4.95 3.58 -32.01
N LEU B 143 -5.64 2.44 -32.13
CA LEU B 143 -6.79 2.19 -31.23
C LEU B 143 -6.62 1.02 -30.28
N VAL B 144 -5.69 0.10 -30.51
CA VAL B 144 -5.48 -1.01 -29.63
C VAL B 144 -4.32 -0.61 -28.74
N PRO B 145 -4.36 -0.67 -27.39
CA PRO B 145 -3.20 -0.39 -26.53
C PRO B 145 -1.96 -1.26 -26.78
N GLU B 146 -0.84 -0.63 -26.45
CA GLU B 146 0.45 -1.24 -26.58
C GLU B 146 0.96 -1.50 -25.16
N PRO B 147 1.78 -2.53 -24.90
CA PRO B 147 2.37 -2.82 -23.59
C PRO B 147 3.29 -1.77 -22.99
N PHE B 148 3.66 -0.71 -23.75
CA PHE B 148 4.49 0.37 -23.27
C PHE B 148 3.72 1.68 -23.12
N HIS B 149 2.40 1.67 -23.30
CA HIS B 149 1.63 2.90 -23.17
C HIS B 149 1.48 3.19 -21.69
N THR B 150 1.24 4.46 -21.37
CA THR B 150 1.06 4.85 -20.00
C THR B 150 -0.33 4.47 -19.55
N VAL B 151 -0.47 4.41 -18.22
CA VAL B 151 -1.77 4.20 -17.59
C VAL B 151 -2.74 5.26 -18.07
N ASP B 152 -2.38 6.55 -18.04
CA ASP B 152 -3.22 7.62 -18.56
C ASP B 152 -3.84 7.39 -19.94
N GLN B 153 -2.95 6.96 -20.82
CA GLN B 153 -3.24 6.60 -22.21
C GLN B 153 -4.27 5.50 -22.29
N ILE B 154 -4.07 4.41 -21.52
CA ILE B 154 -4.93 3.25 -21.56
C ILE B 154 -6.29 3.61 -21.04
N ILE B 155 -6.33 4.30 -19.89
CA ILE B 155 -7.59 4.70 -19.28
C ILE B 155 -8.39 5.53 -20.29
N ALA B 156 -7.76 6.53 -20.90
CA ALA B 156 -8.38 7.33 -21.94
C ALA B 156 -8.76 6.52 -23.16
N ARG B 157 -7.97 5.57 -23.65
CA ARG B 157 -8.39 4.76 -24.78
C ARG B 157 -9.68 4.04 -24.51
N VAL B 158 -9.72 3.42 -23.35
CA VAL B 158 -10.86 2.57 -23.00
C VAL B 158 -12.15 3.33 -22.71
N ASN B 159 -11.94 4.51 -22.10
CA ASN B 159 -13.03 5.42 -21.82
C ASN B 159 -13.59 5.90 -23.14
N ASP B 160 -12.75 6.20 -24.12
CA ASP B 160 -13.27 6.55 -25.43
C ASP B 160 -14.04 5.41 -26.08
N ALA B 161 -13.44 4.21 -26.21
CA ALA B 161 -14.04 3.08 -26.87
C ALA B 161 -15.41 2.65 -26.37
N GLY B 162 -15.57 2.56 -25.06
CA GLY B 162 -16.84 2.06 -24.60
C GLY B 162 -17.30 2.68 -23.32
N GLU B 163 -16.78 3.85 -22.95
CA GLU B 163 -17.11 4.46 -21.67
C GLU B 163 -16.74 3.56 -20.49
N PHE B 164 -15.63 2.84 -20.63
CA PHE B 164 -15.19 1.96 -19.59
C PHE B 164 -14.44 2.82 -18.59
N ASP B 165 -14.58 2.65 -17.28
CA ASP B 165 -13.74 3.39 -16.37
C ASP B 165 -12.47 2.62 -16.09
N GLU B 166 -11.65 3.10 -15.16
CA GLU B 166 -10.40 2.44 -14.87
C GLU B 166 -10.59 1.16 -14.05
N LEU B 167 -11.69 1.00 -13.31
CA LEU B 167 -11.97 -0.22 -12.60
C LEU B 167 -12.30 -1.30 -13.63
N GLU B 168 -13.10 -1.06 -14.66
CA GLU B 168 -13.44 -2.06 -15.67
C GLU B 168 -12.24 -2.35 -16.55
N LEU B 169 -11.31 -1.42 -16.66
CA LEU B 169 -10.03 -1.69 -17.31
C LEU B 169 -9.36 -2.86 -16.57
N VAL B 170 -9.30 -2.81 -15.22
CA VAL B 170 -8.75 -3.92 -14.43
C VAL B 170 -9.52 -5.20 -14.72
N TRP B 171 -10.87 -5.17 -14.68
CA TRP B 171 -11.65 -6.38 -14.89
C TRP B 171 -11.38 -6.96 -16.25
N MET B 172 -11.31 -6.25 -17.39
CA MET B 172 -11.09 -6.97 -18.64
C MET B 172 -9.65 -7.49 -18.69
N LEU B 173 -8.67 -6.98 -17.91
CA LEU B 173 -7.32 -7.54 -17.90
C LEU B 173 -7.26 -8.88 -17.16
N SER B 174 -8.41 -9.30 -16.58
CA SER B 174 -8.60 -10.65 -16.01
C SER B 174 -8.37 -11.70 -17.07
N ALA B 175 -8.58 -11.37 -18.38
CA ALA B 175 -8.20 -12.28 -19.45
C ALA B 175 -6.71 -12.62 -19.46
N HIS B 176 -5.78 -11.82 -18.91
CA HIS B 176 -4.36 -12.23 -18.87
C HIS B 176 -4.06 -13.37 -17.89
N SER B 177 -5.08 -13.80 -17.15
CA SER B 177 -4.97 -14.98 -16.35
C SER B 177 -4.96 -16.25 -17.20
N VAL B 178 -5.32 -16.22 -18.48
CA VAL B 178 -5.33 -17.40 -19.33
C VAL B 178 -4.68 -16.91 -20.62
N ALA B 179 -3.37 -16.69 -20.58
CA ALA B 179 -2.75 -15.95 -21.67
C ALA B 179 -1.25 -16.12 -21.64
N ALA B 180 -0.58 -16.05 -22.76
CA ALA B 180 0.87 -16.11 -22.80
C ALA B 180 1.32 -15.10 -23.87
N VAL B 181 2.59 -14.64 -23.93
CA VAL B 181 3.01 -13.72 -24.95
C VAL B 181 4.06 -14.39 -25.85
N ASN B 182 3.78 -14.22 -27.14
CA ASN B 182 4.56 -14.84 -28.17
C ASN B 182 5.53 -13.90 -28.82
N ASP B 183 5.35 -12.59 -28.72
CA ASP B 183 6.06 -11.68 -29.59
C ASP B 183 6.79 -10.55 -28.92
N VAL B 184 6.82 -10.44 -27.61
CA VAL B 184 7.48 -9.33 -26.96
C VAL B 184 8.96 -9.69 -26.72
N ASP B 185 9.18 -10.93 -26.30
CA ASP B 185 10.52 -11.45 -26.08
C ASP B 185 10.79 -12.18 -27.36
N PRO B 186 11.77 -11.75 -28.16
CA PRO B 186 12.09 -12.35 -29.44
C PRO B 186 12.73 -13.72 -29.32
N THR B 187 13.13 -14.17 -28.12
CA THR B 187 13.81 -15.45 -27.99
C THR B 187 12.89 -16.58 -27.53
N VAL B 188 11.69 -16.32 -26.98
CA VAL B 188 10.83 -17.41 -26.55
C VAL B 188 9.37 -16.97 -26.67
N GLN B 189 8.69 -17.88 -27.35
CA GLN B 189 7.30 -17.75 -27.67
C GLN B 189 6.50 -18.48 -26.61
N GLY B 190 5.44 -17.83 -26.16
CA GLY B 190 4.56 -18.50 -25.24
C GLY B 190 4.88 -18.31 -23.78
N LEU B 191 5.41 -17.18 -23.33
CA LEU B 191 5.71 -17.09 -21.88
C LEU B 191 4.42 -16.73 -21.16
N PRO B 192 3.86 -17.38 -20.13
CA PRO B 192 2.59 -17.00 -19.49
C PRO B 192 2.61 -15.75 -18.65
N PHE B 193 1.44 -15.12 -18.60
CA PHE B 193 1.26 -13.97 -17.72
C PHE B 193 1.16 -14.41 -16.24
N ASP B 194 0.69 -15.62 -15.90
CA ASP B 194 0.65 -16.02 -14.54
C ASP B 194 0.94 -17.52 -14.58
N SER B 195 0.97 -18.11 -13.38
CA SER B 195 1.46 -19.46 -13.24
C SER B 195 0.42 -20.54 -13.53
N THR B 196 -0.86 -20.16 -13.75
CA THR B 196 -2.01 -21.03 -14.10
C THR B 196 -2.68 -20.59 -15.43
N PRO B 197 -2.03 -20.54 -16.59
CA PRO B 197 -2.61 -20.15 -17.89
C PRO B 197 -3.78 -20.94 -18.47
N GLY B 198 -4.04 -22.14 -17.98
CA GLY B 198 -5.18 -22.94 -18.38
C GLY B 198 -6.27 -22.79 -17.32
N ILE B 199 -6.08 -21.90 -16.34
CA ILE B 199 -7.06 -21.76 -15.30
C ILE B 199 -7.43 -20.29 -15.20
N PHE B 200 -8.76 -20.02 -15.33
CA PHE B 200 -9.28 -18.66 -15.13
C PHE B 200 -9.38 -18.41 -13.61
N ASP B 201 -8.44 -17.62 -13.09
CA ASP B 201 -8.31 -17.39 -11.64
C ASP B 201 -7.63 -16.05 -11.28
N SER B 202 -7.32 -15.70 -10.05
CA SER B 202 -6.70 -14.42 -9.78
C SER B 202 -5.20 -14.51 -9.59
N GLN B 203 -4.52 -15.59 -10.04
CA GLN B 203 -3.08 -15.63 -9.90
C GLN B 203 -2.45 -14.48 -10.65
N PHE B 204 -3.06 -14.03 -11.76
CA PHE B 204 -2.51 -12.91 -12.51
C PHE B 204 -2.37 -11.69 -11.60
N PHE B 205 -3.36 -11.44 -10.75
CA PHE B 205 -3.35 -10.30 -9.84
C PHE B 205 -2.39 -10.44 -8.68
N VAL B 206 -2.23 -11.67 -8.16
CA VAL B 206 -1.28 -11.96 -7.07
C VAL B 206 0.17 -11.74 -7.53
N GLU B 207 0.44 -12.35 -8.70
CA GLU B 207 1.81 -12.52 -9.18
C GLU B 207 2.36 -11.30 -9.86
N THR B 208 1.51 -10.42 -10.39
CA THR B 208 2.04 -9.15 -10.90
C THR B 208 2.36 -8.19 -9.76
N GLN B 209 1.90 -8.51 -8.56
CA GLN B 209 2.15 -7.72 -7.37
C GLN B 209 3.51 -8.05 -6.72
N PHE B 210 4.19 -9.12 -7.15
CA PHE B 210 5.46 -9.46 -6.58
C PHE B 210 6.51 -8.53 -7.15
N ARG B 211 7.50 -8.18 -6.31
CA ARG B 211 8.68 -7.47 -6.73
C ARG B 211 9.34 -8.12 -7.96
N GLY B 212 9.72 -7.35 -8.97
CA GLY B 212 10.26 -7.91 -10.18
C GLY B 212 11.71 -8.20 -9.95
N THR B 213 12.15 -9.42 -10.18
CA THR B 213 13.51 -9.79 -9.88
C THR B 213 14.34 -10.36 -11.01
N LEU B 214 13.68 -10.82 -12.08
CA LEU B 214 14.32 -11.55 -13.15
C LEU B 214 13.60 -11.28 -14.47
N PHE B 215 14.25 -11.53 -15.61
CA PHE B 215 13.56 -11.56 -16.90
C PHE B 215 13.48 -13.05 -17.24
N PRO B 216 12.35 -13.58 -17.71
CA PRO B 216 12.20 -14.99 -17.99
C PRO B 216 13.04 -15.53 -19.13
N GLY B 217 13.38 -14.72 -20.12
CA GLY B 217 14.21 -15.15 -21.22
C GLY B 217 15.21 -14.05 -21.50
N SER B 218 15.09 -13.26 -22.58
CA SER B 218 16.00 -12.13 -22.74
C SER B 218 15.56 -10.90 -21.98
N GLY B 219 16.44 -9.94 -21.86
CA GLY B 219 16.07 -8.66 -21.28
C GLY B 219 16.02 -7.59 -22.35
N GLY B 220 15.60 -6.40 -21.92
CA GLY B 220 15.63 -5.23 -22.75
C GLY B 220 14.68 -5.25 -23.93
N ASN B 221 13.48 -5.77 -23.73
CA ASN B 221 12.52 -5.82 -24.82
C ASN B 221 11.50 -4.80 -24.41
N GLN B 222 11.11 -4.01 -25.39
CA GLN B 222 10.17 -2.95 -25.18
C GLN B 222 8.85 -3.57 -24.78
N GLY B 223 8.23 -2.92 -23.80
CA GLY B 223 6.97 -3.34 -23.24
C GLY B 223 7.16 -4.36 -22.13
N GLU B 224 8.35 -4.87 -21.89
CA GLU B 224 8.56 -5.92 -20.90
C GLU B 224 9.32 -5.40 -19.69
N VAL B 225 8.94 -5.90 -18.53
CA VAL B 225 9.53 -5.48 -17.28
C VAL B 225 9.92 -6.81 -16.59
N GLU B 226 10.59 -6.78 -15.43
CA GLU B 226 10.98 -7.98 -14.72
C GLU B 226 9.81 -8.65 -14.04
N SER B 227 9.65 -9.97 -14.00
CA SER B 227 8.58 -10.58 -13.23
C SER B 227 9.22 -11.12 -11.93
N GLY B 228 8.46 -11.71 -11.03
CA GLY B 228 9.06 -12.27 -9.85
C GLY B 228 9.10 -13.79 -9.96
N MET B 229 8.85 -14.41 -11.12
CA MET B 229 8.79 -15.86 -11.18
C MET B 229 9.40 -16.36 -12.45
N ALA B 230 10.22 -17.40 -12.32
CA ALA B 230 10.86 -17.91 -13.51
C ALA B 230 9.79 -18.41 -14.48
N GLY B 231 10.02 -18.12 -15.76
CA GLY B 231 9.14 -18.53 -16.85
C GLY B 231 7.95 -17.60 -17.03
N GLU B 232 7.64 -16.69 -16.09
CA GLU B 232 6.51 -15.80 -16.22
C GLU B 232 6.99 -14.46 -16.77
N ILE B 233 6.32 -13.94 -17.80
CA ILE B 233 6.65 -12.64 -18.32
C ILE B 233 5.77 -11.55 -17.66
N ARG B 234 6.26 -10.30 -17.55
CA ARG B 234 5.47 -9.21 -17.00
C ARG B 234 5.56 -8.08 -18.03
N ILE B 235 4.45 -7.54 -18.50
CA ILE B 235 4.52 -6.42 -19.43
C ILE B 235 4.36 -5.15 -18.60
N GLN B 236 4.95 -4.04 -19.06
CA GLN B 236 4.98 -2.78 -18.32
C GLN B 236 3.59 -2.19 -17.99
N THR B 237 2.55 -2.32 -18.82
CA THR B 237 1.21 -1.83 -18.49
C THR B 237 0.61 -2.54 -17.29
N ASP B 238 0.80 -3.87 -17.22
CA ASP B 238 0.24 -4.62 -16.12
C ASP B 238 0.94 -4.31 -14.80
N HIS B 239 2.27 -4.22 -14.91
CA HIS B 239 3.12 -3.89 -13.80
C HIS B 239 2.65 -2.58 -13.22
N THR B 240 2.61 -1.59 -14.08
CA THR B 240 2.22 -0.26 -13.68
C THR B 240 0.76 -0.20 -13.25
N LEU B 241 -0.22 -0.94 -13.77
CA LEU B 241 -1.59 -0.82 -13.31
C LEU B 241 -1.77 -1.46 -11.95
N ALA B 242 -0.98 -2.48 -11.63
CA ALA B 242 -0.96 -3.09 -10.30
C ALA B 242 -0.50 -2.12 -9.24
N ARG B 243 0.30 -1.12 -9.57
CA ARG B 243 0.84 -0.25 -8.55
C ARG B 243 0.31 1.16 -8.71
N ASP B 244 -0.50 1.49 -9.72
CA ASP B 244 -0.93 2.86 -9.91
C ASP B 244 -2.02 3.12 -8.89
N SER B 245 -2.11 4.29 -8.27
CA SER B 245 -3.11 4.56 -7.24
C SER B 245 -4.52 4.47 -7.75
N ARG B 246 -4.74 4.67 -9.05
CA ARG B 246 -6.07 4.59 -9.59
C ARG B 246 -6.58 3.18 -9.67
N THR B 247 -5.63 2.25 -9.87
CA THR B 247 -5.95 0.87 -10.16
C THR B 247 -5.48 -0.16 -9.15
N ALA B 248 -4.60 0.21 -8.24
CA ALA B 248 -3.97 -0.72 -7.31
C ALA B 248 -4.94 -1.45 -6.42
N CYS B 249 -5.94 -0.81 -5.85
CA CYS B 249 -6.84 -1.52 -4.98
C CYS B 249 -7.81 -2.35 -5.77
N GLU B 250 -8.20 -2.00 -6.99
CA GLU B 250 -9.10 -2.82 -7.76
C GLU B 250 -8.31 -4.04 -8.16
N TRP B 251 -7.02 -3.88 -8.47
CA TRP B 251 -6.18 -5.00 -8.87
C TRP B 251 -6.12 -6.08 -7.77
N GLN B 252 -5.93 -5.58 -6.53
CA GLN B 252 -5.84 -6.44 -5.38
C GLN B 252 -7.19 -7.04 -4.98
N SER B 253 -8.35 -6.43 -5.28
CA SER B 253 -9.64 -6.94 -4.79
C SER B 253 -9.98 -8.34 -5.27
N PHE B 254 -9.32 -8.72 -6.36
CA PHE B 254 -9.52 -10.02 -6.96
C PHE B 254 -8.81 -11.13 -6.23
N VAL B 255 -7.78 -10.79 -5.44
CA VAL B 255 -7.00 -11.79 -4.74
C VAL B 255 -7.86 -12.41 -3.66
N GLY B 256 -8.07 -13.73 -3.77
CA GLY B 256 -8.87 -14.43 -2.79
C GLY B 256 -10.36 -14.20 -3.00
N ASN B 257 -10.78 -13.62 -4.15
CA ASN B 257 -12.18 -13.39 -4.34
C ASN B 257 -12.62 -13.76 -5.74
N GLN B 258 -12.90 -15.06 -5.84
CA GLN B 258 -13.35 -15.68 -7.05
C GLN B 258 -14.71 -15.16 -7.51
N SER B 259 -15.72 -14.90 -6.66
CA SER B 259 -17.01 -14.47 -7.22
C SER B 259 -16.94 -13.08 -7.86
N LYS B 260 -16.11 -12.20 -7.29
CA LYS B 260 -15.94 -10.87 -7.88
C LYS B 260 -15.17 -11.05 -9.18
N LEU B 261 -14.13 -11.89 -9.25
CA LEU B 261 -13.45 -12.11 -10.51
C LEU B 261 -14.39 -12.55 -11.65
N VAL B 262 -15.17 -13.59 -11.38
CA VAL B 262 -16.07 -14.21 -12.33
C VAL B 262 -17.22 -13.30 -12.71
N ASP B 263 -17.87 -12.69 -11.75
CA ASP B 263 -18.99 -11.82 -12.08
C ASP B 263 -18.56 -10.57 -12.83
N ASP B 264 -17.45 -9.95 -12.46
CA ASP B 264 -16.98 -8.80 -13.20
C ASP B 264 -16.55 -9.11 -14.60
N PHE B 265 -15.89 -10.26 -14.80
CA PHE B 265 -15.42 -10.56 -16.11
C PHE B 265 -16.59 -11.00 -16.98
N GLN B 266 -17.59 -11.69 -16.44
CA GLN B 266 -18.75 -12.11 -17.24
C GLN B 266 -19.40 -10.91 -17.88
N PHE B 267 -19.62 -9.88 -17.05
CA PHE B 267 -20.15 -8.64 -17.55
C PHE B 267 -19.25 -7.96 -18.57
N ILE B 268 -17.96 -7.74 -18.26
CA ILE B 268 -17.15 -6.96 -19.15
C ILE B 268 -16.83 -7.63 -20.48
N PHE B 269 -16.85 -8.96 -20.55
CA PHE B 269 -16.55 -9.67 -21.77
C PHE B 269 -17.76 -9.50 -22.65
N LEU B 270 -18.99 -9.79 -22.22
CA LEU B 270 -20.16 -9.49 -23.02
C LEU B 270 -20.14 -7.99 -23.44
N ALA B 271 -19.79 -7.01 -22.60
CA ALA B 271 -19.70 -5.64 -23.09
C ALA B 271 -18.75 -5.44 -24.26
N LEU B 272 -17.52 -5.95 -24.18
CA LEU B 272 -16.59 -5.86 -25.32
C LEU B 272 -17.20 -6.42 -26.61
N THR B 273 -17.88 -7.55 -26.49
CA THR B 273 -18.56 -8.21 -27.58
C THR B 273 -19.68 -7.38 -28.26
N GLN B 274 -20.30 -6.43 -27.57
CA GLN B 274 -21.39 -5.70 -28.17
C GLN B 274 -20.92 -4.33 -28.60
N LEU B 275 -19.62 -4.03 -28.61
CA LEU B 275 -19.16 -2.70 -29.00
C LEU B 275 -19.47 -2.51 -30.48
N GLY B 276 -20.06 -1.34 -30.72
CA GLY B 276 -20.44 -0.96 -32.05
C GLY B 276 -21.77 -1.55 -32.44
N GLN B 277 -22.46 -2.24 -31.53
CA GLN B 277 -23.70 -2.96 -31.84
C GLN B 277 -24.82 -2.44 -31.01
N ASP B 278 -26.04 -2.84 -31.38
CA ASP B 278 -27.19 -2.48 -30.59
C ASP B 278 -27.61 -3.75 -29.87
N PRO B 279 -27.50 -3.85 -28.55
CA PRO B 279 -27.87 -5.04 -27.77
C PRO B 279 -29.32 -5.42 -27.99
N ASN B 280 -30.19 -4.44 -28.22
CA ASN B 280 -31.61 -4.76 -28.47
C ASN B 280 -31.79 -5.33 -29.86
N ALA B 281 -30.84 -5.25 -30.75
CA ALA B 281 -30.99 -5.83 -32.05
C ALA B 281 -30.29 -7.18 -32.16
N MET B 282 -29.82 -7.77 -31.05
CA MET B 282 -29.01 -8.98 -31.11
C MET B 282 -29.73 -10.13 -30.45
N THR B 283 -29.40 -11.34 -30.88
CA THR B 283 -30.09 -12.52 -30.36
C THR B 283 -29.24 -13.25 -29.32
N ASP B 284 -29.84 -13.52 -28.18
CA ASP B 284 -29.15 -14.26 -27.16
C ASP B 284 -29.09 -15.74 -27.50
N CYS B 285 -27.88 -16.20 -27.74
CA CYS B 285 -27.62 -17.60 -27.91
C CYS B 285 -26.69 -18.16 -26.83
N SER B 286 -26.66 -17.59 -25.61
CA SER B 286 -25.89 -18.07 -24.47
C SER B 286 -26.05 -19.55 -24.11
N ASP B 287 -27.27 -20.04 -24.32
CA ASP B 287 -27.64 -21.42 -24.08
C ASP B 287 -26.87 -22.47 -24.92
N VAL B 288 -26.17 -21.98 -25.92
CA VAL B 288 -25.34 -22.82 -26.75
C VAL B 288 -23.96 -22.98 -26.15
N ILE B 289 -23.50 -22.09 -25.24
CA ILE B 289 -22.15 -22.12 -24.71
C ILE B 289 -22.08 -23.26 -23.71
N PRO B 290 -21.06 -24.14 -23.73
CA PRO B 290 -20.93 -25.21 -22.75
C PRO B 290 -20.78 -24.69 -21.32
N LEU B 291 -21.18 -25.52 -20.39
CA LEU B 291 -21.02 -25.23 -18.99
C LEU B 291 -19.56 -25.14 -18.59
N SER B 292 -19.19 -24.00 -18.04
CA SER B 292 -17.87 -23.80 -17.46
C SER B 292 -17.72 -24.69 -16.22
N LYS B 293 -16.49 -25.15 -16.02
CA LYS B 293 -16.13 -26.07 -14.96
C LYS B 293 -15.53 -25.34 -13.77
N PRO B 294 -15.69 -25.82 -12.55
CA PRO B 294 -14.99 -25.26 -11.41
C PRO B 294 -13.49 -25.59 -11.48
N ILE B 295 -12.68 -24.85 -10.76
CA ILE B 295 -11.24 -25.12 -10.67
C ILE B 295 -11.13 -26.45 -9.93
N PRO B 296 -10.38 -27.44 -10.43
CA PRO B 296 -10.23 -28.71 -9.74
C PRO B 296 -9.37 -28.54 -8.50
N GLY B 297 -9.75 -29.39 -7.58
CA GLY B 297 -9.00 -29.54 -6.37
C GLY B 297 -9.72 -28.83 -5.26
N ASN B 298 -9.11 -29.25 -4.19
CA ASN B 298 -9.41 -28.71 -2.89
C ASN B 298 -8.17 -27.80 -2.78
N GLY B 299 -8.26 -26.80 -1.94
CA GLY B 299 -7.09 -25.98 -1.79
C GLY B 299 -7.51 -24.62 -2.27
N PRO B 300 -6.74 -23.62 -1.89
CA PRO B 300 -7.20 -22.23 -1.85
C PRO B 300 -7.34 -21.63 -3.27
N PHE B 301 -8.30 -20.74 -3.50
CA PHE B 301 -8.43 -20.09 -4.79
C PHE B 301 -7.16 -19.33 -5.20
N SER B 302 -6.66 -18.54 -4.26
CA SER B 302 -5.42 -17.79 -4.43
C SER B 302 -4.42 -18.29 -3.36
N PHE B 303 -3.16 -18.18 -3.72
CA PHE B 303 -2.05 -18.71 -2.97
C PHE B 303 -0.81 -18.00 -3.49
N PHE B 304 0.24 -18.02 -2.66
CA PHE B 304 1.57 -17.61 -3.09
C PHE B 304 2.22 -18.85 -3.68
N PRO B 305 2.71 -18.82 -4.91
CA PRO B 305 3.35 -19.97 -5.55
C PRO B 305 4.54 -20.46 -4.70
N PRO B 306 4.97 -21.73 -4.66
CA PRO B 306 6.18 -22.19 -3.99
C PRO B 306 7.35 -21.27 -4.25
N GLY B 307 8.04 -20.86 -3.22
CA GLY B 307 9.15 -19.96 -3.42
C GLY B 307 8.83 -18.52 -3.10
N LYS B 308 7.55 -18.15 -2.99
CA LYS B 308 7.19 -16.76 -2.83
C LYS B 308 6.44 -16.61 -1.54
N SER B 309 6.45 -15.46 -0.90
CA SER B 309 5.78 -15.31 0.38
C SER B 309 5.18 -13.90 0.40
N HIS B 310 4.50 -13.53 1.48
CA HIS B 310 3.99 -12.20 1.65
C HIS B 310 5.11 -11.19 1.58
N SER B 311 6.35 -11.48 1.94
CA SER B 311 7.41 -10.51 1.87
C SER B 311 7.76 -10.12 0.44
N ASP B 312 7.32 -10.82 -0.60
CA ASP B 312 7.67 -10.42 -1.96
C ASP B 312 6.69 -9.41 -2.55
N ILE B 313 5.60 -9.16 -1.81
CA ILE B 313 4.54 -8.26 -2.22
C ILE B 313 5.03 -6.82 -2.14
N GLU B 314 4.77 -6.01 -3.16
CA GLU B 314 5.01 -4.58 -3.03
C GLU B 314 3.61 -4.08 -2.84
N GLN B 315 3.31 -3.69 -1.62
CA GLN B 315 2.00 -3.18 -1.29
C GLN B 315 1.75 -1.85 -2.03
N ALA B 316 0.66 -1.80 -2.77
CA ALA B 316 0.31 -0.62 -3.53
C ALA B 316 -1.09 -0.16 -3.16
N CYS B 317 -2.08 -1.01 -2.85
CA CYS B 317 -3.39 -0.59 -2.43
C CYS B 317 -3.26 0.03 -1.07
N ALA B 318 -3.54 1.31 -1.02
CA ALA B 318 -3.50 2.08 0.20
C ALA B 318 -4.47 1.64 1.27
N GLU B 319 -5.68 1.25 0.92
CA GLU B 319 -6.69 0.99 1.91
C GLU B 319 -6.74 -0.39 2.53
N THR B 320 -6.20 -1.45 1.93
CA THR B 320 -6.36 -2.75 2.51
C THR B 320 -4.99 -3.38 2.35
N PRO B 321 -4.42 -4.02 3.38
CA PRO B 321 -3.23 -4.83 3.25
C PRO B 321 -3.44 -5.95 2.28
N PHE B 322 -2.45 -6.34 1.52
CA PHE B 322 -2.54 -7.50 0.67
C PHE B 322 -2.89 -8.65 1.58
N PRO B 323 -3.92 -9.44 1.30
CA PRO B 323 -4.32 -10.60 2.12
C PRO B 323 -3.19 -11.56 2.48
N SER B 324 -3.33 -12.24 3.61
CA SER B 324 -2.35 -13.25 3.90
C SER B 324 -2.80 -14.47 3.09
N LEU B 325 -1.91 -14.98 2.26
CA LEU B 325 -2.17 -16.14 1.45
C LEU B 325 -1.21 -17.23 1.90
N VAL B 326 -1.62 -18.47 1.72
CA VAL B 326 -0.74 -19.58 2.04
C VAL B 326 0.23 -19.74 0.87
N THR B 327 1.46 -20.10 1.20
CA THR B 327 2.43 -20.43 0.19
C THR B 327 2.30 -21.93 -0.07
N LEU B 328 2.27 -22.29 -1.33
CA LEU B 328 2.23 -23.68 -1.62
C LEU B 328 3.61 -24.23 -1.29
N PRO B 329 3.70 -25.50 -0.90
CA PRO B 329 4.95 -26.10 -0.46
C PRO B 329 5.80 -26.50 -1.65
N GLY B 330 7.10 -26.62 -1.37
CA GLY B 330 8.00 -27.14 -2.37
C GLY B 330 9.04 -26.11 -2.76
N PRO B 331 10.05 -26.45 -3.56
CA PRO B 331 11.03 -25.51 -4.09
C PRO B 331 10.36 -24.51 -5.04
N ALA B 332 11.09 -23.44 -5.34
CA ALA B 332 10.61 -22.40 -6.22
C ALA B 332 10.26 -22.93 -7.60
N THR B 333 9.10 -22.49 -8.13
CA THR B 333 8.61 -22.85 -9.46
C THR B 333 9.25 -22.16 -10.66
N SER B 334 9.02 -22.76 -11.81
CA SER B 334 9.28 -22.21 -13.13
C SER B 334 7.96 -22.39 -13.94
N VAL B 335 7.38 -21.40 -14.59
CA VAL B 335 6.12 -21.58 -15.29
C VAL B 335 6.41 -22.13 -16.66
N ALA B 336 5.72 -23.17 -17.11
CA ALA B 336 5.96 -23.78 -18.41
C ALA B 336 5.47 -22.92 -19.54
N ARG B 337 6.20 -22.88 -20.66
CA ARG B 337 5.78 -22.05 -21.75
C ARG B 337 4.64 -22.79 -22.42
N ILE B 338 3.84 -22.02 -23.12
CA ILE B 338 2.75 -22.56 -23.90
C ILE B 338 3.11 -22.22 -25.32
N PRO B 339 3.47 -23.24 -26.11
CA PRO B 339 3.69 -23.11 -27.56
C PRO B 339 2.53 -22.56 -28.40
N PRO B 340 2.71 -21.46 -29.15
CA PRO B 340 1.71 -20.93 -30.07
C PRO B 340 1.19 -21.94 -31.11
N HIS B 341 -0.02 -21.65 -31.60
CA HIS B 341 -0.56 -22.44 -32.70
C HIS B 341 0.26 -22.23 -34.00
C1 NAG C . 23.37 12.56 37.24
C2 NAG C . 24.10 12.68 38.53
C3 NAG C . 25.54 12.29 38.38
C4 NAG C . 25.62 10.88 37.75
C5 NAG C . 24.82 10.87 36.42
C6 NAG C . 24.76 9.53 35.67
C7 NAG C . 23.48 14.51 40.00
C8 NAG C . 23.40 16.02 40.14
N2 NAG C . 24.04 14.09 38.88
O3 NAG C . 26.19 12.35 39.63
O4 NAG C . 26.99 10.53 37.57
O5 NAG C . 23.48 11.28 36.67
O6 NAG C . 24.13 8.54 36.47
O7 NAG C . 23.14 13.73 40.89
CA CA D . 8.45 19.37 30.53
CA CA E . 7.61 2.15 10.41
CHA HEM F . 1.55 11.08 23.57
CHB HEM F . 1.41 6.57 25.24
CHC HEM F . 6.10 6.16 24.45
CHD HEM F . 6.25 10.60 22.70
C1A HEM F . 1.10 9.89 24.10
C2A HEM F . -0.28 9.54 24.26
C3A HEM F . -0.33 8.29 24.77
C4A HEM F . 1.04 7.84 24.85
CMA HEM F . -1.59 7.48 25.13
CAA HEM F . -1.49 10.34 23.76
CBA HEM F . -2.00 9.88 22.41
CGA HEM F . -3.30 10.55 21.99
O1A HEM F . -4.08 11.01 22.83
O2A HEM F . -3.52 10.64 20.78
C1B HEM F . 2.69 6.08 25.26
C2B HEM F . 3.07 4.73 25.64
C3B HEM F . 4.40 4.62 25.38
C4B HEM F . 4.83 5.92 24.93
CMB HEM F . 2.12 3.67 26.21
CAB HEM F . 5.23 3.49 25.41
CBB HEM F . 5.39 2.62 26.54
C1C HEM F . 6.52 7.32 23.84
C2C HEM F . 7.86 7.54 23.38
C3C HEM F . 7.89 8.75 22.75
C4C HEM F . 6.59 9.31 23.00
CMC HEM F . 9.04 6.58 23.53
CAC HEM F . 8.75 9.20 21.75
CBC HEM F . 10.13 9.50 21.85
C1D HEM F . 4.99 11.16 22.88
C2D HEM F . 4.66 12.55 22.58
C3D HEM F . 3.33 12.62 22.78
C4D HEM F . 2.87 11.36 23.25
CMD HEM F . 5.65 13.65 22.24
CAD HEM F . 2.46 13.86 22.65
CBD HEM F . 1.87 14.03 21.28
CGD HEM F . 1.06 15.31 21.16
O1D HEM F . 0.32 15.42 20.20
O2D HEM F . 1.16 16.21 21.99
NA HEM F . 1.93 8.82 24.41
NB HEM F . 3.79 6.82 24.85
NC HEM F . 5.74 8.41 23.63
ND HEM F . 3.91 10.47 23.36
FE HEM F . 3.87 8.67 24.13
C1 NAG G . -15.61 -10.13 -3.08
C2 NAG G . -15.78 -9.97 -1.58
C3 NAG G . -17.07 -9.40 -1.20
C4 NAG G . -17.35 -8.15 -1.98
C5 NAG G . -17.18 -8.39 -3.51
C6 NAG G . -17.36 -7.11 -4.36
C7 NAG G . -14.65 -11.77 -0.51
C8 NAG G . -14.69 -13.21 -0.07
N2 NAG G . -15.76 -11.31 -1.03
O3 NAG G . -17.04 -9.10 0.18
O4 NAG G . -18.69 -7.81 -1.67
O5 NAG G . -15.88 -8.91 -3.75
O6 NAG G . -16.43 -6.08 -3.93
O7 NAG G . -13.64 -11.07 -0.41
CA CA H . -4.65 -18.12 -14.45
CA CA I . -13.36 -4.38 -35.48
CHA HEM J . -1.81 -11.15 -24.85
CHB HEM J . -1.15 -6.47 -24.13
CHC HEM J . -5.71 -6.11 -22.93
CHD HEM J . -6.44 -10.70 -23.80
C1A HEM J . -1.23 -9.89 -24.81
C2A HEM J . 0.10 -9.56 -25.24
C3A HEM J . 0.29 -8.24 -24.96
C4A HEM J . -0.94 -7.78 -24.42
CMA HEM J . 1.52 -7.40 -25.20
CAA HEM J . 1.06 -10.42 -26.01
CBA HEM J . 0.97 -10.16 -27.50
CGA HEM J . 1.97 -10.94 -28.31
O1A HEM J . 3.06 -11.28 -27.79
O2A HEM J . 1.65 -11.24 -29.48
C1B HEM J . -2.32 -5.98 -23.68
C2B HEM J . -2.55 -4.58 -23.38
C3B HEM J . -3.87 -4.49 -23.04
C4B HEM J . -4.39 -5.82 -23.11
CMB HEM J . -1.46 -3.51 -23.45
CAB HEM J . -4.66 -3.40 -22.69
CBB HEM J . -4.37 -2.57 -21.57
C1C HEM J . -6.30 -7.31 -23.14
C2C HEM J . -7.70 -7.51 -22.93
C3C HEM J . -7.96 -8.78 -23.22
C4C HEM J . -6.66 -9.37 -23.57
CMC HEM J . -8.71 -6.46 -22.42
CAC HEM J . -9.24 -9.33 -23.15
CBC HEM J . -9.72 -10.39 -24.03
C1D HEM J . -5.21 -11.27 -24.04
C2D HEM J . -5.01 -12.69 -24.24
C3D HEM J . -3.72 -12.77 -24.58
C4D HEM J . -3.11 -11.46 -24.53
CMD HEM J . -5.97 -13.85 -23.95
CAD HEM J . -2.98 -14.07 -24.83
CBD HEM J . -2.73 -14.40 -26.25
CGD HEM J . -2.05 -15.75 -26.42
O1D HEM J . -1.68 -16.03 -27.55
O2D HEM J . -1.92 -16.51 -25.45
NA HEM J . -1.88 -8.77 -24.34
NB HEM J . -3.45 -6.74 -23.48
NC HEM J . -5.64 -8.43 -23.52
ND HEM J . -4.02 -10.55 -24.13
FE HEM J . -3.68 -8.66 -23.75
#